data_9LMO
#
_entry.id   9LMO
#
_cell.length_a   1.00
_cell.length_b   1.00
_cell.length_c   1.00
_cell.angle_alpha   90.00
_cell.angle_beta   90.00
_cell.angle_gamma   90.00
#
_symmetry.space_group_name_H-M   'P 1'
#
loop_
_entity.id
_entity.type
_entity.pdbx_description
1 polymer 'Heavy chain of anti-Bril Fab'
2 polymer 'anti-Fab Nanobody'
3 polymer 'Light chain of anti-Bril Fab'
4 polymer 'G-protein coupled receptor 4,Soluble cytochrome b562'
#
loop_
_entity_poly.entity_id
_entity_poly.type
_entity_poly.pdbx_seq_one_letter_code
_entity_poly.pdbx_strand_id
1 'polypeptide(L)'
;EISEVQLVESGGGLVQPGGSLRLSCAASGFNVVDFSLHWVRQAPGKGLEWVAYISSSSGSTSYADSVKGRFTISADTSKN
TAYLQMNSLRAEDTAVYYCARWGYWPGEPWWKAFDYWGQGTLVTVSSASTKGPSVFPLAPSSKSTSGGTAALGCLVKDYF
PEPVTVSWNSGALTSGVHTFPAVLQSSGLYSLSSVVTVPSSSLGTQTYICNVNHKPSNTKVDKKVEPKSCDKTHT
;
H
2 'polypeptide(L)'
;QVQLQESGGGLVQPGGSLRLSCAASGRTISRYAMSWFRQAPGKEREFVAVARRSGDGAFYADSVQGRFTVSRDDAKNTVY
LQMNSLKPEDTAVYYCAIDSDTFYSGSYDYWGQGTQVTVS
;
K
3 'polypeptide(L)'
;SDIQMTQSPSSLSASVGDRVTITCRASQSVSSAVAWYQQKPGKAPKLLIYSASSLYSGVPSRFSGSRSGTDFTLTISSLQ
PEDFATYYCQQYLYYSLVTFGQGTKVEIKRTVAAPSVFIFPPSDSQLKSGTASVVCLLNNFYPREAKVQWKVDNALQSGN
SQESVTEQDSKDSTYSLSSTLTLSKADYEKHKVYACEVTHQGLSSPVTKSFNRGEC
;
L
4 'polypeptide(L)'
;MGNHTWEGCHVDSRVDHLFPPSLYIFVIGVGLPTNCLALWAAYRQVQQRNELGVYLMNLSIADLLYICTLPLWVDYFLHH
DNWIHGPGSCKLFGFIFYTNIYISIAFLCCISVDRYLAVAHPLRFARLRRVKTAVAVSSVVWATELGANSAPLFHDELFR
DRYNHTFCFEKFPMEGWVAWMNLYRVFVGFLFPWALMLLSYRGILRAVEKRRADLEDNWETLNDNLKVIEKADNAAQVKD
ALTKMRAAALDAQKATDKSPDSPEMKDFRHGFDILVGQIDDALKLANEGKVKEAQAAAEQLKTTRNAYIQKYLDWERERL
KRLERIKRLALSLIAIVLVCFAPYHVLLLSRSAIYLGRPWDCGFEERVFSAYHSSLAFTSLNCVADPILYCLVNEGARSD
VAKALHNLLRFLASDKPQEMANASLTLETPLTSKRNSTAKAMTGSWAATPPSQGDQVQLKMLPPAQ
;
R
#
# COMPACT_ATOMS: atom_id res chain seq x y z
N GLU A 4 -1.53 33.91 -1.52
CA GLU A 4 -1.79 32.94 -0.48
C GLU A 4 -3.22 32.40 -0.68
N VAL A 5 -3.39 31.06 -0.58
CA VAL A 5 -4.67 30.34 -0.76
C VAL A 5 -5.31 30.02 0.58
N GLN A 6 -6.43 30.66 0.88
CA GLN A 6 -7.09 30.43 2.16
C GLN A 6 -8.57 30.22 2.07
N LEU A 7 -9.06 29.42 3.00
CA LEU A 7 -10.48 29.22 3.23
C LEU A 7 -10.69 29.50 4.68
N VAL A 8 -11.51 30.48 5.03
CA VAL A 8 -11.67 30.79 6.44
C VAL A 8 -13.09 30.72 6.92
N GLU A 9 -13.36 29.77 7.79
CA GLU A 9 -14.69 29.59 8.32
C GLU A 9 -14.95 30.49 9.50
N SER A 10 -16.21 30.84 9.65
CA SER A 10 -16.68 31.60 10.79
C SER A 10 -18.17 31.39 10.98
N GLY A 11 -18.71 31.82 12.12
CA GLY A 11 -20.16 31.73 12.33
C GLY A 11 -20.64 30.51 13.11
N GLY A 12 -19.72 29.77 13.71
CA GLY A 12 -20.12 28.59 14.46
C GLY A 12 -20.57 29.06 15.82
N GLY A 13 -20.75 28.14 16.76
CA GLY A 13 -21.25 28.54 18.05
C GLY A 13 -22.33 27.62 18.54
N LEU A 14 -23.00 28.06 19.59
CA LEU A 14 -24.04 27.30 20.24
C LEU A 14 -25.42 27.71 19.82
N VAL A 15 -26.18 26.73 19.39
CA VAL A 15 -27.54 26.91 18.94
C VAL A 15 -28.43 25.88 19.64
N GLN A 16 -29.66 26.24 19.93
CA GLN A 16 -30.59 25.31 20.56
C GLN A 16 -31.19 24.42 19.47
N PRO A 17 -31.67 23.22 19.76
CA PRO A 17 -32.32 22.35 18.80
C PRO A 17 -33.47 23.08 18.20
N GLY A 18 -33.59 22.97 16.90
CA GLY A 18 -34.65 23.59 16.13
C GLY A 18 -34.25 24.98 15.66
N GLY A 19 -33.13 25.48 16.14
CA GLY A 19 -32.68 26.81 15.80
C GLY A 19 -31.83 26.79 14.55
N SER A 20 -31.15 27.90 14.29
CA SER A 20 -30.35 27.97 13.11
C SER A 20 -29.08 28.79 13.23
N LEU A 21 -28.14 28.47 12.37
CA LEU A 21 -26.86 29.16 12.22
C LEU A 21 -26.52 29.42 10.77
N ARG A 22 -25.79 30.48 10.52
CA ARG A 22 -25.33 30.73 9.16
C ARG A 22 -23.83 30.72 9.16
N LEU A 23 -23.22 29.69 8.59
CA LEU A 23 -21.78 29.62 8.63
C LEU A 23 -21.29 30.32 7.42
N SER A 24 -20.12 30.92 7.53
CA SER A 24 -19.51 31.59 6.40
C SER A 24 -18.20 30.89 6.08
N CYS A 25 -17.74 31.02 4.82
CA CYS A 25 -16.44 30.58 4.33
C CYS A 25 -15.86 31.63 3.41
N ALA A 26 -14.93 32.42 3.93
CA ALA A 26 -14.36 33.49 3.16
C ALA A 26 -13.21 32.95 2.37
N ALA A 27 -13.03 33.45 1.16
CA ALA A 27 -11.89 33.01 0.38
C ALA A 27 -10.88 34.12 0.17
N SER A 28 -9.61 33.71 0.08
CA SER A 28 -8.51 34.58 -0.29
C SER A 28 -7.63 33.88 -1.31
N GLY A 29 -7.01 34.63 -2.20
CA GLY A 29 -6.12 34.06 -3.21
C GLY A 29 -6.88 33.68 -4.46
N PHE A 30 -7.85 32.83 -4.27
CA PHE A 30 -8.76 32.36 -5.30
C PHE A 30 -10.13 32.91 -5.04
N ASN A 31 -10.96 32.97 -6.06
CA ASN A 31 -12.31 33.40 -5.85
C ASN A 31 -13.21 32.19 -5.59
N VAL A 32 -14.33 32.43 -4.94
CA VAL A 32 -15.36 31.42 -4.73
C VAL A 32 -15.84 30.86 -6.06
N VAL A 33 -15.95 31.70 -7.08
CA VAL A 33 -16.43 31.24 -8.38
C VAL A 33 -15.41 30.39 -9.13
N ASP A 34 -14.18 30.30 -8.64
CA ASP A 34 -13.17 29.56 -9.36
C ASP A 34 -13.14 28.08 -9.01
N PHE A 35 -13.94 27.65 -8.05
CA PHE A 35 -13.87 26.25 -7.64
C PHE A 35 -15.16 25.84 -6.98
N SER A 36 -15.32 24.55 -6.73
CA SER A 36 -16.48 24.08 -6.01
C SER A 36 -16.21 24.09 -4.52
N LEU A 37 -17.20 24.49 -3.75
CA LEU A 37 -17.01 24.50 -2.32
C LEU A 37 -17.77 23.42 -1.69
N HIS A 38 -17.13 22.78 -0.75
CA HIS A 38 -17.74 21.71 -0.06
C HIS A 38 -17.68 21.86 1.40
N TRP A 39 -18.72 21.41 2.05
CA TRP A 39 -18.68 21.37 3.47
C TRP A 39 -18.57 19.94 3.87
N VAL A 40 -17.64 19.69 4.77
CA VAL A 40 -17.37 18.40 5.31
C VAL A 40 -17.53 18.47 6.79
N ARG A 41 -18.25 17.55 7.33
CA ARG A 41 -18.52 17.56 8.74
C ARG A 41 -17.78 16.51 9.52
N GLN A 42 -17.34 16.84 10.70
CA GLN A 42 -16.75 15.84 11.55
C GLN A 42 -17.32 15.83 12.95
N ALA A 43 -18.20 14.88 13.23
CA ALA A 43 -18.82 14.85 14.54
C ALA A 43 -17.72 14.52 15.51
N PRO A 44 -17.78 14.93 16.78
CA PRO A 44 -16.73 14.62 17.71
C PRO A 44 -16.53 13.13 17.80
N GLY A 45 -15.29 12.69 17.66
CA GLY A 45 -14.95 11.27 17.76
C GLY A 45 -15.26 10.44 16.52
N LYS A 46 -15.74 11.08 15.46
CA LYS A 46 -16.13 10.38 14.26
C LYS A 46 -15.27 10.73 13.07
N GLY A 47 -15.49 10.00 11.97
CA GLY A 47 -14.76 10.26 10.76
C GLY A 47 -15.43 11.40 10.03
N LEU A 48 -15.01 11.64 8.82
CA LEU A 48 -15.51 12.75 8.06
C LEU A 48 -16.76 12.38 7.26
N GLU A 49 -17.70 13.30 7.17
CA GLU A 49 -18.92 13.15 6.39
C GLU A 49 -19.08 14.26 5.40
N TRP A 50 -19.32 13.97 4.15
CA TRP A 50 -19.54 15.06 3.25
C TRP A 50 -20.93 15.60 3.51
N VAL A 51 -21.10 16.92 3.56
CA VAL A 51 -22.42 17.50 3.80
C VAL A 51 -23.05 18.24 2.66
N ALA A 52 -22.32 19.15 2.06
CA ALA A 52 -22.94 19.94 1.02
C ALA A 52 -21.95 20.47 0.02
N TYR A 53 -22.47 20.76 -1.14
CA TYR A 53 -21.73 21.27 -2.27
C TYR A 53 -22.35 22.42 -2.99
N ILE A 54 -21.53 23.36 -3.37
CA ILE A 54 -21.96 24.41 -4.26
C ILE A 54 -20.96 24.74 -5.33
N SER A 55 -21.45 24.94 -6.52
CA SER A 55 -20.65 25.45 -7.60
C SER A 55 -21.34 26.66 -8.14
N SER A 56 -20.80 27.83 -7.79
CA SER A 56 -21.40 29.10 -8.14
C SER A 56 -21.20 29.42 -9.59
N SER A 57 -20.31 28.68 -10.23
CA SER A 57 -20.05 28.88 -11.65
C SER A 57 -21.16 28.24 -12.49
N SER A 58 -21.91 27.29 -11.92
CA SER A 58 -22.98 26.63 -12.66
C SER A 58 -24.34 26.74 -11.95
N GLY A 59 -24.35 27.16 -10.68
CA GLY A 59 -25.58 27.26 -9.91
C GLY A 59 -26.05 25.89 -9.43
N SER A 60 -25.09 25.00 -9.22
CA SER A 60 -25.40 23.64 -8.82
C SER A 60 -25.08 23.36 -7.39
N THR A 61 -26.05 22.83 -6.69
CA THR A 61 -25.86 22.48 -5.31
C THR A 61 -26.31 21.07 -5.03
N SER A 62 -25.80 20.52 -3.96
CA SER A 62 -26.29 19.23 -3.52
C SER A 62 -26.06 19.05 -2.05
N TYR A 63 -26.80 18.13 -1.49
CA TYR A 63 -26.71 17.87 -0.08
C TYR A 63 -26.65 16.41 0.25
N ALA A 64 -26.04 16.09 1.36
CA ALA A 64 -26.06 14.76 1.88
C ALA A 64 -27.48 14.44 2.29
N ASP A 65 -27.89 13.19 2.17
CA ASP A 65 -29.26 12.84 2.54
C ASP A 65 -29.61 13.23 3.96
N SER A 66 -28.66 13.16 4.85
CA SER A 66 -28.86 13.48 6.24
C SER A 66 -29.28 14.92 6.52
N VAL A 67 -29.05 15.84 5.58
CA VAL A 67 -29.40 17.23 5.75
C VAL A 67 -30.34 17.78 4.66
N LYS A 68 -30.90 16.91 3.82
CA LYS A 68 -31.74 17.47 2.75
C LYS A 68 -32.98 18.12 3.26
N GLY A 69 -33.21 19.33 2.77
CA GLY A 69 -34.38 20.11 3.13
C GLY A 69 -34.17 20.86 4.43
N ARG A 70 -33.01 20.67 5.03
CA ARG A 70 -32.69 21.28 6.28
C ARG A 70 -31.63 22.35 6.07
N PHE A 71 -30.63 22.03 5.26
CA PHE A 71 -29.57 22.99 5.01
C PHE A 71 -29.72 23.64 3.64
N THR A 72 -29.34 24.90 3.55
CA THR A 72 -29.29 25.61 2.27
C THR A 72 -27.88 26.12 2.01
N ILE A 73 -27.35 25.87 0.84
CA ILE A 73 -25.99 26.33 0.60
C ILE A 73 -26.06 27.40 -0.47
N SER A 74 -25.33 28.46 -0.27
CA SER A 74 -25.34 29.57 -1.21
C SER A 74 -24.01 30.28 -1.21
N ALA A 75 -23.81 31.17 -2.17
CA ALA A 75 -22.58 31.91 -2.19
C ALA A 75 -22.78 33.27 -2.79
N ASP A 76 -21.92 34.20 -2.40
CA ASP A 76 -21.94 35.54 -2.93
C ASP A 76 -20.53 35.91 -3.30
N THR A 77 -20.28 35.88 -4.59
CA THR A 77 -18.96 36.05 -5.12
C THR A 77 -18.51 37.49 -5.05
N SER A 78 -19.41 38.43 -4.77
CA SER A 78 -19.00 39.83 -4.71
C SER A 78 -18.21 40.11 -3.44
N LYS A 79 -18.31 39.22 -2.46
CA LYS A 79 -17.61 39.34 -1.20
C LYS A 79 -16.63 38.21 -1.08
N ASN A 80 -16.55 37.43 -2.15
CA ASN A 80 -15.74 36.26 -2.25
C ASN A 80 -16.00 35.36 -1.04
N THR A 81 -17.27 35.20 -0.68
CA THR A 81 -17.65 34.40 0.49
C THR A 81 -18.80 33.45 0.23
N ALA A 82 -18.69 32.23 0.73
CA ALA A 82 -19.75 31.25 0.65
C ALA A 82 -20.42 31.04 1.98
N TYR A 83 -21.66 30.58 1.96
CA TYR A 83 -22.41 30.38 3.19
C TYR A 83 -23.13 29.04 3.30
N LEU A 84 -23.30 28.56 4.53
CA LEU A 84 -24.13 27.38 4.74
C LEU A 84 -25.18 27.72 5.78
N GLN A 85 -26.43 27.68 5.39
CA GLN A 85 -27.53 28.03 6.26
C GLN A 85 -28.08 26.76 6.85
N MET A 86 -27.96 26.64 8.14
CA MET A 86 -28.34 25.44 8.82
C MET A 86 -29.58 25.64 9.64
N ASN A 87 -30.74 25.20 9.12
CA ASN A 87 -32.02 25.41 9.79
C ASN A 87 -32.48 24.16 10.47
N SER A 88 -33.37 24.29 11.43
CA SER A 88 -33.96 23.14 12.09
C SER A 88 -32.92 22.15 12.56
N LEU A 89 -31.90 22.64 13.24
CA LEU A 89 -30.83 21.78 13.70
C LEU A 89 -31.19 20.77 14.75
N ARG A 90 -30.60 19.59 14.61
CA ARG A 90 -30.81 18.51 15.55
C ARG A 90 -29.54 18.25 16.36
N ALA A 91 -29.65 17.53 17.45
CA ALA A 91 -28.46 17.26 18.26
C ALA A 91 -27.37 16.56 17.46
N GLU A 92 -27.78 15.74 16.51
CA GLU A 92 -26.90 14.96 15.66
C GLU A 92 -26.05 15.80 14.72
N ASP A 93 -26.36 17.08 14.59
CA ASP A 93 -25.63 17.97 13.71
C ASP A 93 -24.43 18.61 14.41
N THR A 94 -24.18 18.25 15.67
CA THR A 94 -23.00 18.79 16.32
C THR A 94 -21.78 18.23 15.65
N ALA A 95 -20.91 19.12 15.22
CA ALA A 95 -19.72 18.72 14.50
C ALA A 95 -18.82 19.88 14.21
N VAL A 96 -17.61 19.57 13.81
CA VAL A 96 -16.79 20.62 13.24
C VAL A 96 -17.06 20.66 11.76
N TYR A 97 -17.40 21.83 11.27
CA TYR A 97 -17.71 21.99 9.88
C TYR A 97 -16.55 22.62 9.18
N TYR A 98 -16.04 21.94 8.17
CA TYR A 98 -14.91 22.44 7.43
C TYR A 98 -15.38 22.81 6.06
N CYS A 99 -14.82 23.88 5.49
CA CYS A 99 -15.05 24.34 4.14
C CYS A 99 -13.85 23.84 3.31
N ALA A 100 -14.11 23.22 2.18
CA ALA A 100 -13.01 22.72 1.38
C ALA A 100 -13.16 23.03 -0.09
N ARG A 101 -12.02 23.24 -0.71
CA ARG A 101 -11.82 23.54 -2.11
C ARG A 101 -11.40 22.41 -3.01
N TRP A 102 -12.25 22.16 -4.01
CA TRP A 102 -12.12 21.14 -5.06
C TRP A 102 -12.41 21.81 -6.39
N GLY A 103 -11.50 21.73 -7.36
CA GLY A 103 -11.70 22.45 -8.59
C GLY A 103 -12.61 21.77 -9.59
N TYR A 104 -12.63 22.35 -10.77
CA TYR A 104 -13.49 21.89 -11.83
C TYR A 104 -12.82 21.00 -12.82
N TRP A 105 -13.59 20.09 -13.35
CA TRP A 105 -13.20 19.20 -14.43
C TRP A 105 -13.10 20.05 -15.68
N PRO A 106 -12.19 19.77 -16.61
CA PRO A 106 -11.12 18.79 -16.73
C PRO A 106 -9.84 19.12 -16.03
N GLY A 107 -8.97 18.12 -15.90
CA GLY A 107 -7.60 18.34 -15.47
C GLY A 107 -7.33 18.25 -13.99
N GLU A 108 -6.11 18.63 -13.64
CA GLU A 108 -5.58 18.51 -12.31
C GLU A 108 -6.38 19.17 -11.20
N PRO A 109 -7.03 20.33 -11.38
CA PRO A 109 -7.83 20.95 -10.34
C PRO A 109 -8.94 20.03 -9.85
N TRP A 110 -9.33 19.05 -10.66
CA TRP A 110 -10.38 18.13 -10.29
C TRP A 110 -9.76 16.90 -9.65
N TRP A 111 -8.67 16.41 -10.25
CA TRP A 111 -8.05 15.20 -9.72
C TRP A 111 -7.47 15.43 -8.35
N LYS A 112 -6.98 16.63 -8.15
CA LYS A 112 -6.51 17.04 -6.85
C LYS A 112 -7.82 17.36 -6.21
N ALA A 113 -8.15 16.74 -5.10
CA ALA A 113 -9.49 16.98 -4.62
C ALA A 113 -9.57 18.02 -3.56
N PHE A 114 -9.71 17.64 -2.30
CA PHE A 114 -9.83 18.68 -1.32
C PHE A 114 -8.47 19.16 -0.92
N ASP A 115 -7.87 19.95 -1.81
CA ASP A 115 -6.52 20.44 -1.59
C ASP A 115 -6.50 21.43 -0.48
N TYR A 116 -7.51 22.26 -0.42
CA TYR A 116 -7.47 23.25 0.63
C TYR A 116 -8.66 23.15 1.50
N TRP A 117 -8.39 23.11 2.77
CA TRP A 117 -9.39 23.03 3.79
C TRP A 117 -9.27 24.25 4.60
N GLY A 118 -10.35 24.70 5.13
CA GLY A 118 -10.28 25.80 6.03
C GLY A 118 -9.95 25.26 7.39
N GLN A 119 -10.06 26.11 8.39
CA GLN A 119 -9.69 25.76 9.74
C GLN A 119 -10.76 24.95 10.44
N GLY A 120 -11.99 25.16 10.03
CA GLY A 120 -13.14 24.49 10.57
C GLY A 120 -13.79 25.28 11.68
N THR A 121 -15.09 25.14 11.83
CA THR A 121 -15.74 25.83 12.91
C THR A 121 -16.70 24.91 13.62
N LEU A 122 -16.78 25.02 14.93
CA LEU A 122 -17.65 24.13 15.67
C LEU A 122 -19.04 24.61 15.86
N VAL A 123 -19.96 23.72 15.51
CA VAL A 123 -21.36 23.92 15.73
C VAL A 123 -21.82 22.94 16.75
N THR A 124 -22.36 23.44 17.83
CA THR A 124 -22.82 22.59 18.90
C THR A 124 -24.29 22.86 19.12
N VAL A 125 -25.08 21.80 18.99
CA VAL A 125 -26.51 21.94 19.09
C VAL A 125 -26.96 21.33 20.38
N SER A 126 -27.50 22.15 21.27
CA SER A 126 -27.86 21.65 22.58
C SER A 126 -28.83 22.54 23.29
N SER A 127 -29.75 21.91 24.01
CA SER A 127 -30.74 22.62 24.80
C SER A 127 -30.17 23.10 26.12
N ALA A 128 -28.98 22.63 26.45
CA ALA A 128 -28.36 22.97 27.71
C ALA A 128 -28.03 24.44 27.82
N SER A 129 -28.25 24.98 29.00
CA SER A 129 -27.89 26.34 29.30
C SER A 129 -26.47 26.33 29.82
N THR A 130 -25.86 27.49 29.94
CA THR A 130 -24.52 27.57 30.48
C THR A 130 -24.54 27.17 31.95
N LYS A 131 -23.62 26.29 32.34
CA LYS A 131 -23.49 25.83 33.73
C LYS A 131 -22.05 25.80 34.18
N GLY A 132 -21.82 26.18 35.44
CA GLY A 132 -20.48 26.01 35.99
C GLY A 132 -20.42 24.55 36.40
N PRO A 133 -19.29 24.06 36.82
CA PRO A 133 -19.06 22.70 37.21
C PRO A 133 -19.51 22.38 38.60
N SER A 134 -19.72 21.12 38.84
CA SER A 134 -19.76 20.60 40.18
C SER A 134 -18.40 19.93 40.32
N VAL A 135 -17.58 20.32 41.29
CA VAL A 135 -16.27 19.68 41.33
C VAL A 135 -16.14 18.80 42.57
N PHE A 136 -15.89 17.54 42.32
CA PHE A 136 -15.79 16.49 43.31
C PHE A 136 -14.38 15.92 43.47
N PRO A 137 -13.86 15.72 44.68
CA PRO A 137 -12.58 15.11 44.95
C PRO A 137 -12.55 13.59 44.77
N LEU A 138 -11.82 13.12 43.78
CA LEU A 138 -11.66 11.69 43.57
C LEU A 138 -10.48 11.30 44.42
N ALA A 139 -10.65 11.37 45.72
CA ALA A 139 -9.53 11.10 46.60
C ALA A 139 -9.20 9.63 46.56
N PRO A 140 -7.92 9.22 46.62
CA PRO A 140 -7.50 7.85 46.69
C PRO A 140 -7.74 7.29 48.05
N SER A 141 -7.95 6.00 48.12
CA SER A 141 -8.00 5.31 49.39
C SER A 141 -6.59 4.94 49.78
N SER A 142 -6.28 5.04 51.06
CA SER A 142 -4.96 4.69 51.59
C SER A 142 -4.69 3.20 51.52
N LYS A 143 -5.74 2.40 51.31
CA LYS A 143 -5.60 0.97 51.21
C LYS A 143 -5.41 0.51 49.76
N SER A 144 -5.54 1.41 48.79
CA SER A 144 -5.44 1.01 47.40
C SER A 144 -4.02 1.00 46.94
N THR A 145 -3.66 -0.07 46.22
CA THR A 145 -2.32 -0.28 45.68
C THR A 145 -1.30 0.21 46.69
N SER A 146 -1.40 -0.29 47.92
CA SER A 146 -0.61 0.24 49.01
C SER A 146 0.87 0.09 48.76
N GLY A 147 1.60 1.16 49.05
CA GLY A 147 3.05 1.19 48.88
C GLY A 147 3.48 1.66 47.49
N GLY A 148 2.52 1.82 46.58
CA GLY A 148 2.81 2.24 45.22
C GLY A 148 2.43 3.68 44.96
N THR A 149 2.02 3.94 43.72
CA THR A 149 1.66 5.27 43.30
C THR A 149 0.17 5.41 43.32
N ALA A 150 -0.32 6.40 44.06
CA ALA A 150 -1.73 6.61 44.20
C ALA A 150 -2.27 7.46 43.09
N ALA A 151 -3.47 7.21 42.71
CA ALA A 151 -4.08 8.07 41.74
C ALA A 151 -5.04 8.99 42.42
N LEU A 152 -4.88 10.30 42.33
CA LEU A 152 -5.78 11.20 43.02
C LEU A 152 -6.34 12.02 41.90
N GLY A 153 -7.61 12.41 41.98
CA GLY A 153 -8.14 13.26 40.94
C GLY A 153 -9.33 14.04 41.38
N CYS A 154 -9.96 14.71 40.41
CA CYS A 154 -11.16 15.52 40.55
C CYS A 154 -12.10 15.24 39.40
N LEU A 155 -13.35 15.22 39.73
CA LEU A 155 -14.41 15.02 38.78
C LEU A 155 -15.13 16.32 38.58
N VAL A 156 -15.14 16.79 37.34
CA VAL A 156 -15.75 18.07 37.03
C VAL A 156 -17.01 17.74 36.28
N LYS A 157 -18.13 17.83 36.96
CA LYS A 157 -19.40 17.32 36.47
C LYS A 157 -20.45 18.36 36.08
N ASP A 158 -21.31 17.98 35.14
CA ASP A 158 -22.46 18.75 34.69
C ASP A 158 -22.19 20.17 34.25
N TYR A 159 -21.19 20.37 33.44
CA TYR A 159 -20.87 21.72 33.00
C TYR A 159 -21.24 21.94 31.55
N PHE A 160 -21.41 23.19 31.15
CA PHE A 160 -21.71 23.47 29.75
C PHE A 160 -21.42 24.90 29.44
N PRO A 161 -20.80 25.24 28.30
CA PRO A 161 -20.27 24.50 27.18
C PRO A 161 -18.95 23.82 27.45
N GLU A 162 -18.48 23.13 26.43
CA GLU A 162 -17.27 22.30 26.31
C GLU A 162 -15.86 22.72 26.81
N PRO A 163 -15.36 23.95 26.62
CA PRO A 163 -13.97 24.33 26.84
C PRO A 163 -13.53 24.55 28.26
N VAL A 164 -13.45 23.48 29.03
CA VAL A 164 -13.02 23.57 30.41
C VAL A 164 -11.56 23.17 30.63
N THR A 165 -10.85 24.03 31.34
CA THR A 165 -9.44 23.78 31.62
C THR A 165 -9.23 23.39 33.06
N VAL A 166 -8.48 22.32 33.25
CA VAL A 166 -8.16 21.87 34.58
C VAL A 166 -6.66 21.77 34.71
N SER A 167 -6.12 22.35 35.75
CA SER A 167 -4.70 22.29 36.01
C SER A 167 -4.47 21.95 37.45
N TRP A 168 -3.30 21.45 37.77
CA TRP A 168 -3.05 21.11 39.16
C TRP A 168 -1.99 21.98 39.80
N ASN A 169 -2.26 22.32 41.05
CA ASN A 169 -1.36 23.12 41.88
C ASN A 169 -0.96 24.38 41.14
N SER A 170 -1.93 25.00 40.49
CA SER A 170 -1.80 26.22 39.73
C SER A 170 -0.73 26.15 38.64
N GLY A 171 -0.56 24.99 38.02
CA GLY A 171 0.39 24.85 36.93
C GLY A 171 1.70 24.22 37.37
N ALA A 172 1.87 24.07 38.69
CA ALA A 172 3.07 23.46 39.24
C ALA A 172 3.16 21.97 38.97
N LEU A 173 2.01 21.27 38.90
CA LEU A 173 2.05 19.83 38.71
C LEU A 173 1.64 19.43 37.32
N THR A 174 2.62 19.03 36.52
CA THR A 174 2.37 18.63 35.15
C THR A 174 2.82 17.19 34.94
N SER A 175 3.68 16.69 35.80
CA SER A 175 4.21 15.35 35.67
C SER A 175 3.22 14.35 36.22
N GLY A 176 2.90 13.33 35.44
CA GLY A 176 1.97 12.30 35.87
C GLY A 176 0.52 12.77 35.82
N VAL A 177 0.19 13.72 34.95
CA VAL A 177 -1.17 14.23 34.94
C VAL A 177 -1.94 13.90 33.69
N HIS A 178 -3.09 13.26 33.88
CA HIS A 178 -3.95 12.87 32.78
C HIS A 178 -5.32 13.52 32.84
N THR A 179 -5.63 14.34 31.85
CA THR A 179 -6.95 14.94 31.83
C THR A 179 -7.66 14.20 30.73
N PHE A 180 -8.78 13.62 31.08
CA PHE A 180 -9.56 12.84 30.15
C PHE A 180 -10.46 13.75 29.37
N PRO A 181 -10.75 13.48 28.11
CA PRO A 181 -11.73 14.18 27.32
C PRO A 181 -13.07 14.08 28.01
N ALA A 182 -13.84 15.17 27.97
CA ALA A 182 -15.14 15.19 28.60
C ALA A 182 -16.11 14.33 27.86
N VAL A 183 -16.99 13.72 28.60
CA VAL A 183 -18.04 12.94 28.01
C VAL A 183 -19.35 13.65 28.10
N LEU A 184 -20.07 13.70 26.98
CA LEU A 184 -21.39 14.31 27.00
C LEU A 184 -22.35 13.39 27.69
N GLN A 185 -23.06 13.93 28.66
CA GLN A 185 -24.00 13.19 29.45
C GLN A 185 -25.36 13.28 28.81
N SER A 186 -26.26 12.38 29.18
CA SER A 186 -27.63 12.36 28.66
C SER A 186 -28.43 13.62 29.06
N SER A 187 -27.92 14.34 30.06
CA SER A 187 -28.49 15.57 30.56
C SER A 187 -28.22 16.75 29.63
N GLY A 188 -27.29 16.58 28.68
CA GLY A 188 -26.89 17.63 27.75
C GLY A 188 -25.67 18.38 28.25
N LEU A 189 -25.24 18.05 29.45
CA LEU A 189 -24.10 18.66 30.10
C LEU A 189 -22.88 17.73 29.98
N TYR A 190 -21.69 18.25 30.20
CA TYR A 190 -20.45 17.49 30.09
C TYR A 190 -19.75 17.14 31.38
N SER A 191 -18.96 16.07 31.35
CA SER A 191 -18.15 15.71 32.52
C SER A 191 -16.71 15.25 32.25
N LEU A 192 -15.75 15.92 32.93
CA LEU A 192 -14.30 15.68 32.89
C LEU A 192 -13.81 14.98 34.09
N SER A 193 -12.71 14.31 33.92
CA SER A 193 -12.03 13.70 35.04
C SER A 193 -10.55 13.95 34.87
N SER A 194 -9.94 14.43 35.93
CA SER A 194 -8.53 14.74 35.91
C SER A 194 -7.82 14.06 37.05
N VAL A 195 -6.85 13.23 36.68
CA VAL A 195 -6.10 12.42 37.61
C VAL A 195 -4.59 12.61 37.57
N VAL A 196 -4.00 12.74 38.75
CA VAL A 196 -2.56 12.88 38.89
C VAL A 196 -2.01 11.68 39.63
N THR A 197 -0.85 11.19 39.23
CA THR A 197 -0.28 10.05 39.92
C THR A 197 0.80 10.51 40.90
N VAL A 198 0.69 10.07 42.15
CA VAL A 198 1.63 10.52 43.15
C VAL A 198 2.13 9.43 44.06
N PRO A 199 3.41 9.47 44.41
CA PRO A 199 3.98 8.48 45.31
C PRO A 199 3.15 8.36 46.56
N SER A 200 2.93 7.15 47.04
CA SER A 200 2.05 6.97 48.18
C SER A 200 2.40 7.83 49.34
N SER A 201 3.68 7.91 49.69
CA SER A 201 4.05 8.67 50.86
C SER A 201 3.61 10.11 50.76
N SER A 202 3.67 10.66 49.56
CA SER A 202 3.34 12.06 49.39
C SER A 202 1.92 12.37 49.79
N LEU A 203 1.12 11.34 50.06
CA LEU A 203 -0.24 11.57 50.51
C LEU A 203 -0.16 12.64 51.55
N GLY A 204 0.53 12.36 52.63
CA GLY A 204 0.72 13.37 53.65
C GLY A 204 1.57 14.38 52.93
N THR A 205 1.30 15.67 53.16
CA THR A 205 2.05 16.74 52.50
C THR A 205 1.68 16.90 51.03
N GLN A 206 2.36 17.82 50.37
CA GLN A 206 2.09 18.07 48.96
C GLN A 206 0.60 18.12 48.74
N THR A 207 -0.09 18.97 49.49
CA THR A 207 -1.50 19.10 49.27
C THR A 207 -1.72 19.30 47.79
N TYR A 208 -2.77 18.69 47.27
CA TYR A 208 -3.03 18.82 45.85
C TYR A 208 -4.32 19.56 45.61
N ILE A 209 -4.28 20.52 44.72
CA ILE A 209 -5.42 21.34 44.38
C ILE A 209 -5.78 21.20 42.92
N CYS A 210 -7.07 20.91 42.65
CA CYS A 210 -7.65 20.83 41.34
C CYS A 210 -8.18 22.22 41.03
N ASN A 211 -7.56 22.85 40.06
CA ASN A 211 -7.91 24.20 39.67
C ASN A 211 -8.76 24.17 38.43
N VAL A 212 -10.05 24.38 38.59
CA VAL A 212 -10.98 24.24 37.49
C VAL A 212 -11.45 25.59 36.98
N ASN A 213 -11.22 25.85 35.69
CA ASN A 213 -11.52 27.13 35.07
C ASN A 213 -12.48 27.10 33.90
N HIS A 214 -13.59 27.83 34.06
CA HIS A 214 -14.64 27.90 33.04
C HIS A 214 -14.82 29.31 32.56
N LYS A 215 -14.15 29.64 31.47
CA LYS A 215 -14.26 31.01 30.99
C LYS A 215 -15.71 31.39 30.66
N PRO A 216 -16.50 30.55 29.97
CA PRO A 216 -17.87 30.83 29.57
C PRO A 216 -18.84 31.10 30.73
N SER A 217 -18.50 30.69 31.94
CA SER A 217 -19.40 30.91 33.05
C SER A 217 -18.76 31.77 34.11
N ASN A 218 -17.60 32.37 33.79
CA ASN A 218 -16.87 33.22 34.73
C ASN A 218 -16.68 32.50 36.05
N THR A 219 -16.37 31.22 35.99
CA THR A 219 -16.25 30.43 37.21
C THR A 219 -14.92 29.75 37.44
N LYS A 220 -14.43 29.90 38.65
CA LYS A 220 -13.20 29.28 39.06
C LYS A 220 -13.43 28.52 40.35
N VAL A 221 -13.09 27.23 40.34
CA VAL A 221 -13.28 26.39 41.50
C VAL A 221 -11.99 25.73 41.94
N ASP A 222 -11.62 25.92 43.19
CA ASP A 222 -10.41 25.32 43.73
C ASP A 222 -10.70 24.23 44.76
N LYS A 223 -10.46 22.96 44.41
CA LYS A 223 -10.74 21.89 45.37
C LYS A 223 -9.54 21.13 45.81
N LYS A 224 -9.50 20.84 47.10
CA LYS A 224 -8.45 20.03 47.68
C LYS A 224 -8.85 18.57 47.66
N VAL A 225 -7.99 17.75 47.11
CA VAL A 225 -8.26 16.33 47.05
C VAL A 225 -7.46 15.66 48.14
N GLU A 226 -8.14 15.05 49.09
CA GLU A 226 -7.45 14.47 50.23
C GLU A 226 -8.11 13.16 50.66
N PRO A 227 -7.36 12.10 50.99
CA PRO A 227 -7.84 10.83 51.52
C PRO A 227 -8.59 11.01 52.83
N LYS A 228 -9.64 10.20 53.05
CA LYS A 228 -10.45 10.19 54.28
C LYS A 228 -9.81 9.20 55.26
N GLN B 1 -14.98 -25.73 24.72
CA GLN B 1 -14.96 -26.47 23.45
C GLN B 1 -13.54 -26.87 23.03
N VAL B 2 -12.62 -25.89 22.95
CA VAL B 2 -11.24 -26.03 22.51
C VAL B 2 -10.30 -26.49 23.61
N GLN B 3 -9.50 -27.50 23.31
CA GLN B 3 -8.51 -27.95 24.27
C GLN B 3 -7.16 -27.72 23.64
N LEU B 4 -6.53 -26.59 23.95
CA LEU B 4 -5.31 -26.28 23.25
C LEU B 4 -4.26 -27.27 23.61
N GLN B 5 -3.51 -27.68 22.60
CA GLN B 5 -2.40 -28.57 22.82
C GLN B 5 -1.15 -27.78 22.67
N GLU B 6 -0.12 -28.21 23.36
CA GLU B 6 1.16 -27.53 23.33
C GLU B 6 2.30 -28.53 23.21
N SER B 7 3.36 -28.10 22.56
CA SER B 7 4.54 -28.92 22.41
C SER B 7 5.77 -28.06 22.29
N GLY B 8 6.93 -28.70 22.35
CA GLY B 8 8.19 -28.00 22.26
C GLY B 8 8.61 -27.74 23.68
N GLY B 9 9.76 -27.11 23.86
CA GLY B 9 10.26 -26.88 25.20
C GLY B 9 11.32 -27.90 25.54
N GLY B 10 11.56 -28.13 26.82
CA GLY B 10 12.65 -28.97 27.22
C GLY B 10 13.84 -28.11 27.66
N LEU B 11 15.03 -28.71 27.68
CA LEU B 11 16.24 -28.07 28.18
C LEU B 11 17.13 -27.50 27.10
N VAL B 12 17.46 -26.24 27.24
CA VAL B 12 18.32 -25.53 26.32
C VAL B 12 19.42 -24.82 27.10
N GLN B 13 20.60 -24.65 26.49
CA GLN B 13 21.69 -23.92 27.13
C GLN B 13 21.54 -22.41 26.98
N PRO B 14 22.09 -21.59 27.87
CA PRO B 14 22.01 -20.16 27.80
C PRO B 14 22.51 -19.69 26.49
N GLY B 15 21.79 -18.77 25.93
CA GLY B 15 22.14 -18.21 24.65
C GLY B 15 21.56 -19.01 23.51
N GLY B 16 20.97 -20.14 23.81
CA GLY B 16 20.44 -20.99 22.78
C GLY B 16 19.03 -20.61 22.47
N SER B 17 18.34 -21.49 21.78
CA SER B 17 16.99 -21.21 21.39
C SER B 17 16.10 -22.43 21.35
N LEU B 18 14.82 -22.15 21.51
CA LEU B 18 13.73 -23.11 21.43
C LEU B 18 12.58 -22.59 20.62
N ARG B 19 11.81 -23.47 20.04
CA ARG B 19 10.61 -23.00 19.38
C ARG B 19 9.45 -23.73 19.97
N LEU B 20 8.52 -23.00 20.57
CA LEU B 20 7.38 -23.63 21.18
C LEU B 20 6.25 -23.60 20.19
N SER B 21 5.36 -24.57 20.30
CA SER B 21 4.20 -24.64 19.42
C SER B 21 2.92 -24.95 20.17
N CYS B 22 1.84 -24.30 19.73
CA CYS B 22 0.47 -24.36 20.23
C CYS B 22 -0.49 -24.66 19.09
N ALA B 23 -1.44 -25.54 19.32
CA ALA B 23 -2.40 -25.90 18.28
C ALA B 23 -3.81 -25.96 18.80
N ALA B 24 -4.75 -25.52 17.97
CA ALA B 24 -6.13 -25.60 18.37
C ALA B 24 -6.70 -26.94 18.01
N SER B 25 -7.60 -27.37 18.85
CA SER B 25 -8.32 -28.60 18.65
C SER B 25 -9.76 -28.41 19.08
N GLY B 26 -10.68 -28.59 18.13
CA GLY B 26 -12.12 -28.42 18.33
C GLY B 26 -12.70 -27.16 17.69
N ARG B 27 -11.86 -26.23 17.30
CA ARG B 27 -12.29 -25.00 16.66
C ARG B 27 -11.17 -24.38 15.85
N THR B 28 -11.55 -23.59 14.87
CA THR B 28 -10.62 -22.82 14.09
C THR B 28 -10.33 -21.54 14.83
N ILE B 29 -9.06 -21.19 14.98
CA ILE B 29 -8.68 -20.00 15.74
C ILE B 29 -8.18 -18.83 14.92
N SER B 30 -8.45 -18.83 13.63
CA SER B 30 -8.01 -17.76 12.73
C SER B 30 -8.66 -16.41 13.02
N ARG B 31 -9.74 -16.42 13.80
CA ARG B 31 -10.46 -15.20 14.17
C ARG B 31 -10.13 -14.65 15.57
N TYR B 32 -9.27 -15.33 16.29
CA TYR B 32 -8.98 -14.98 17.67
C TYR B 32 -7.53 -14.61 17.89
N ALA B 33 -7.24 -13.89 18.98
CA ALA B 33 -5.83 -13.58 19.26
C ALA B 33 -5.25 -14.67 20.13
N MET B 34 -4.00 -14.96 19.89
CA MET B 34 -3.32 -15.97 20.69
C MET B 34 -2.20 -15.40 21.49
N SER B 35 -2.22 -15.69 22.77
CA SER B 35 -1.22 -15.13 23.65
C SER B 35 -0.39 -16.13 24.38
N TRP B 36 0.83 -15.76 24.65
CA TRP B 36 1.69 -16.56 25.46
C TRP B 36 1.91 -15.89 26.76
N PHE B 37 1.81 -16.65 27.79
CA PHE B 37 2.03 -16.25 29.16
C PHE B 37 3.07 -17.12 29.81
N ARG B 38 3.77 -16.59 30.75
CA ARG B 38 4.77 -17.36 31.40
C ARG B 38 4.62 -17.49 32.88
N GLN B 39 4.68 -18.70 33.35
CA GLN B 39 4.61 -18.92 34.78
C GLN B 39 5.93 -19.34 35.29
N ALA B 40 6.69 -18.42 35.83
CA ALA B 40 7.97 -18.79 36.34
C ALA B 40 7.66 -19.32 37.70
N PRO B 41 8.44 -20.17 38.30
CA PRO B 41 8.20 -20.53 39.68
C PRO B 41 8.16 -19.20 40.44
N GLY B 42 7.16 -19.01 41.29
CA GLY B 42 7.04 -17.77 42.06
C GLY B 42 6.41 -16.63 41.24
N LYS B 43 7.10 -16.21 40.21
CA LYS B 43 6.61 -15.11 39.39
C LYS B 43 5.62 -15.57 38.32
N GLU B 44 4.39 -15.76 38.79
CA GLU B 44 3.30 -16.30 37.98
C GLU B 44 2.61 -15.25 37.10
N ARG B 45 2.01 -15.74 36.00
CA ARG B 45 1.19 -14.99 35.06
C ARG B 45 1.80 -13.79 34.34
N GLU B 46 3.02 -13.91 33.85
CA GLU B 46 3.61 -12.80 33.13
C GLU B 46 3.21 -12.83 31.67
N PHE B 47 2.83 -11.72 31.12
CA PHE B 47 2.55 -11.70 29.70
C PHE B 47 3.84 -11.83 28.92
N VAL B 48 3.90 -12.65 27.88
CA VAL B 48 5.09 -12.72 27.05
C VAL B 48 4.87 -12.12 25.70
N ALA B 49 3.92 -12.64 24.97
CA ALA B 49 3.71 -12.12 23.65
C ALA B 49 2.34 -12.41 23.13
N VAL B 50 1.84 -11.57 22.24
CA VAL B 50 0.56 -11.88 21.62
C VAL B 50 0.60 -11.73 20.16
N ALA B 51 -0.03 -12.65 19.47
CA ALA B 51 -0.19 -12.56 18.05
C ALA B 51 -1.65 -12.28 17.75
N ARG B 52 -1.87 -11.20 17.05
CA ARG B 52 -3.22 -10.78 16.70
C ARG B 52 -3.63 -11.55 15.45
N ARG B 53 -4.86 -11.40 14.97
CA ARG B 53 -5.30 -12.22 13.84
C ARG B 53 -4.51 -12.12 12.54
N SER B 54 -4.41 -10.92 11.96
CA SER B 54 -3.67 -10.86 10.69
C SER B 54 -3.40 -9.45 10.23
N GLY B 55 -2.14 -9.05 10.20
CA GLY B 55 -1.81 -7.68 9.79
C GLY B 55 -2.00 -6.72 10.95
N ASP B 56 -2.39 -7.28 12.08
CA ASP B 56 -2.69 -6.57 13.30
C ASP B 56 -1.48 -6.55 14.22
N GLY B 57 -0.40 -7.13 13.73
CA GLY B 57 0.87 -7.21 14.44
C GLY B 57 0.88 -8.22 15.56
N ALA B 58 1.85 -8.00 16.44
CA ALA B 58 2.13 -8.80 17.59
C ALA B 58 2.75 -7.89 18.61
N PHE B 59 2.53 -8.17 19.86
CA PHE B 59 3.07 -7.31 20.88
C PHE B 59 3.83 -8.10 21.91
N TYR B 60 4.85 -7.49 22.48
CA TYR B 60 5.70 -8.17 23.45
C TYR B 60 5.83 -7.46 24.75
N ALA B 61 6.09 -8.22 25.78
CA ALA B 61 6.41 -7.65 27.08
C ALA B 61 7.81 -7.07 27.01
N ASP B 62 8.15 -6.12 27.88
CA ASP B 62 9.49 -5.55 27.84
C ASP B 62 10.58 -6.57 27.99
N SER B 63 10.35 -7.54 28.85
CA SER B 63 11.30 -8.56 29.22
C SER B 63 11.64 -9.53 28.12
N VAL B 64 10.85 -9.57 27.06
CA VAL B 64 11.10 -10.47 25.98
C VAL B 64 11.22 -9.76 24.65
N GLN B 65 11.28 -8.45 24.67
CA GLN B 65 11.32 -7.72 23.42
C GLN B 65 12.61 -8.03 22.69
N GLY B 66 12.52 -8.36 21.40
CA GLY B 66 13.71 -8.68 20.59
C GLY B 66 14.11 -10.13 20.70
N ARG B 67 14.30 -10.55 21.95
CA ARG B 67 14.64 -11.90 22.35
C ARG B 67 13.59 -12.94 21.92
N PHE B 68 12.29 -12.62 22.00
CA PHE B 68 11.26 -13.57 21.59
C PHE B 68 10.45 -13.07 20.42
N THR B 69 10.01 -13.99 19.59
CA THR B 69 9.12 -13.69 18.45
C THR B 69 7.89 -14.57 18.39
N VAL B 70 6.71 -13.99 18.22
CA VAL B 70 5.52 -14.82 18.13
C VAL B 70 4.91 -14.68 16.75
N SER B 71 4.54 -15.81 16.16
CA SER B 71 3.97 -15.83 14.83
C SER B 71 2.92 -16.92 14.68
N ARG B 72 2.13 -16.84 13.62
CA ARG B 72 1.05 -17.81 13.44
C ARG B 72 0.93 -18.41 12.05
N ASP B 73 0.29 -19.58 12.01
CA ASP B 73 -0.04 -20.27 10.76
C ASP B 73 -1.52 -20.71 10.80
N ASP B 74 -2.34 -19.96 10.06
CA ASP B 74 -3.78 -20.15 10.11
C ASP B 74 -4.22 -21.41 9.41
N ALA B 75 -3.47 -21.77 8.37
CA ALA B 75 -3.70 -22.98 7.59
C ALA B 75 -3.50 -24.22 8.45
N LYS B 76 -2.52 -24.15 9.36
CA LYS B 76 -2.23 -25.25 10.26
C LYS B 76 -3.06 -25.13 11.53
N ASN B 77 -3.62 -23.94 11.77
CA ASN B 77 -4.40 -23.60 12.94
C ASN B 77 -3.54 -23.72 14.20
N THR B 78 -2.28 -23.23 14.07
CA THR B 78 -1.26 -23.22 15.13
C THR B 78 -0.60 -21.84 15.37
N VAL B 79 0.09 -21.76 16.52
CA VAL B 79 0.82 -20.58 16.98
C VAL B 79 2.25 -20.99 17.39
N TYR B 80 3.24 -20.19 17.04
CA TYR B 80 4.62 -20.51 17.43
C TYR B 80 5.29 -19.40 18.20
N LEU B 81 6.16 -19.77 19.15
CA LEU B 81 6.93 -18.78 19.86
C LEU B 81 8.41 -19.10 19.79
N GLN B 82 9.17 -18.18 19.22
CA GLN B 82 10.60 -18.39 19.12
C GLN B 82 11.21 -17.80 20.35
N MET B 83 12.03 -18.57 20.99
CA MET B 83 12.70 -18.13 22.18
C MET B 83 14.18 -18.03 21.85
N ASN B 84 14.71 -16.83 21.53
CA ASN B 84 16.08 -16.71 21.01
C ASN B 84 17.07 -15.94 21.88
N SER B 85 18.11 -16.61 22.35
CA SER B 85 19.11 -16.03 23.22
C SER B 85 18.54 -15.91 24.59
N LEU B 86 18.28 -17.06 25.14
CA LEU B 86 17.65 -17.19 26.43
C LEU B 86 18.60 -17.13 27.58
N LYS B 87 18.09 -16.65 28.69
CA LYS B 87 18.86 -16.53 29.90
C LYS B 87 18.26 -17.44 30.96
N PRO B 88 18.98 -17.84 32.00
CA PRO B 88 18.48 -18.69 33.07
C PRO B 88 17.15 -18.23 33.68
N GLU B 89 16.91 -16.92 33.72
CA GLU B 89 15.66 -16.38 34.28
C GLU B 89 14.43 -16.66 33.41
N ASP B 90 14.62 -17.20 32.20
CA ASP B 90 13.53 -17.53 31.31
C ASP B 90 13.00 -18.93 31.61
N THR B 91 13.56 -19.60 32.62
CA THR B 91 13.03 -20.90 32.99
C THR B 91 11.62 -20.70 33.51
N ALA B 92 10.66 -21.38 32.91
CA ALA B 92 9.26 -21.21 33.26
C ALA B 92 8.35 -22.18 32.51
N VAL B 93 7.08 -22.23 32.90
CA VAL B 93 6.10 -22.94 32.10
C VAL B 93 5.42 -21.96 31.16
N TYR B 94 5.45 -22.25 29.88
CA TYR B 94 4.89 -21.34 28.90
C TYR B 94 3.52 -21.79 28.44
N TYR B 95 2.53 -20.93 28.66
CA TYR B 95 1.14 -21.21 28.35
C TYR B 95 0.63 -20.44 27.16
N CYS B 96 -0.12 -21.11 26.29
CA CYS B 96 -0.77 -20.56 25.11
C CYS B 96 -2.23 -20.33 25.43
N ALA B 97 -2.77 -19.19 25.04
CA ALA B 97 -4.17 -18.99 25.34
C ALA B 97 -4.96 -18.27 24.27
N ILE B 98 -6.25 -18.61 24.20
CA ILE B 98 -7.19 -17.98 23.29
C ILE B 98 -7.97 -16.88 23.90
N ASP B 99 -7.82 -15.72 23.25
CA ASP B 99 -8.51 -14.47 23.54
C ASP B 99 -9.76 -14.50 22.70
N SER B 100 -10.87 -14.75 23.38
CA SER B 100 -12.19 -14.99 22.79
C SER B 100 -12.83 -13.74 22.25
N ASP B 101 -12.29 -12.60 22.61
CA ASP B 101 -12.89 -11.37 22.17
C ASP B 101 -12.32 -10.99 20.83
N THR B 102 -13.15 -10.95 19.83
CA THR B 102 -12.69 -10.66 18.48
C THR B 102 -12.30 -9.18 18.36
N PHE B 103 -12.59 -8.39 19.39
CA PHE B 103 -12.23 -6.98 19.45
C PHE B 103 -10.95 -6.78 20.27
N TYR B 104 -10.28 -7.89 20.59
CA TYR B 104 -9.01 -7.96 21.31
C TYR B 104 -8.93 -7.40 22.72
N SER B 105 -9.92 -7.64 23.54
CA SER B 105 -9.91 -7.17 24.90
C SER B 105 -9.17 -8.05 25.88
N GLY B 106 -8.69 -9.24 25.50
CA GLY B 106 -8.02 -10.08 26.49
C GLY B 106 -8.89 -10.99 27.31
N SER B 107 -9.94 -11.55 26.73
CA SER B 107 -10.76 -12.43 27.52
C SER B 107 -10.26 -13.85 27.32
N TYR B 108 -9.57 -14.40 28.30
CA TYR B 108 -8.96 -15.70 28.03
C TYR B 108 -9.73 -16.88 28.59
N ASP B 109 -10.32 -17.64 27.67
CA ASP B 109 -11.12 -18.81 28.04
C ASP B 109 -10.34 -20.10 27.89
N TYR B 110 -9.42 -20.14 26.95
CA TYR B 110 -8.73 -21.40 26.75
C TYR B 110 -7.26 -21.26 27.06
N TRP B 111 -6.78 -21.94 28.11
CA TRP B 111 -5.39 -21.80 28.58
C TRP B 111 -4.30 -22.81 28.25
N GLY B 112 -4.61 -23.92 27.63
CA GLY B 112 -3.55 -24.88 27.39
C GLY B 112 -3.19 -25.55 28.70
N GLN B 113 -2.07 -26.25 28.74
CA GLN B 113 -1.64 -26.94 29.94
C GLN B 113 -0.34 -26.35 30.42
N GLY B 114 0.45 -25.88 29.47
CA GLY B 114 1.75 -25.28 29.72
C GLY B 114 2.92 -26.21 29.41
N THR B 115 3.91 -25.70 28.68
CA THR B 115 5.10 -26.48 28.38
C THR B 115 6.31 -25.93 29.13
N GLN B 116 7.02 -26.82 29.82
CA GLN B 116 8.17 -26.42 30.62
C GLN B 116 9.44 -26.21 29.83
N VAL B 117 10.02 -25.05 30.01
CA VAL B 117 11.26 -24.69 29.40
C VAL B 117 12.30 -24.41 30.44
N THR B 118 13.42 -25.10 30.35
CA THR B 118 14.49 -24.87 31.28
C THR B 118 15.68 -24.34 30.55
N VAL B 119 16.23 -23.25 31.04
CA VAL B 119 17.41 -22.69 30.40
C VAL B 119 18.51 -22.93 31.42
N SER B 120 19.57 -23.68 31.04
CA SER B 120 20.68 -24.14 31.90
C SER B 120 20.13 -25.15 32.93
N ASP C 2 -23.66 6.51 -2.00
CA ASP C 2 -23.84 5.06 -1.90
C ASP C 2 -22.53 4.26 -2.10
N ILE C 3 -21.45 4.88 -2.62
CA ILE C 3 -20.20 4.17 -2.88
C ILE C 3 -19.35 4.21 -1.65
N GLN C 4 -19.52 3.17 -0.87
CA GLN C 4 -18.87 3.00 0.40
C GLN C 4 -17.42 2.60 0.23
N MET C 5 -16.58 3.07 1.15
CA MET C 5 -15.19 2.68 1.16
C MET C 5 -14.89 2.07 2.51
N THR C 6 -14.19 0.96 2.52
CA THR C 6 -13.87 0.34 3.81
C THR C 6 -12.40 0.25 4.07
N GLN C 7 -11.94 0.80 5.18
CA GLN C 7 -10.54 0.70 5.52
C GLN C 7 -10.37 -0.46 6.47
N SER C 8 -9.43 -1.33 6.21
CA SER C 8 -9.26 -2.49 7.06
C SER C 8 -8.58 -2.25 8.42
N PRO C 9 -7.35 -1.73 8.50
CA PRO C 9 -6.61 -1.59 9.72
C PRO C 9 -7.05 -0.38 10.49
N SER C 10 -8.19 -0.43 11.18
CA SER C 10 -8.75 0.76 11.83
C SER C 10 -7.80 1.35 12.86
N SER C 11 -6.89 0.53 13.34
CA SER C 11 -5.84 0.94 14.23
C SER C 11 -4.63 0.12 13.89
N LEU C 12 -3.54 0.79 13.64
CA LEU C 12 -2.31 0.16 13.26
C LEU C 12 -1.19 0.62 14.15
N SER C 13 -0.46 -0.30 14.75
CA SER C 13 0.67 0.09 15.60
C SER C 13 1.94 -0.06 14.81
N ALA C 14 2.80 0.94 14.85
CA ALA C 14 4.07 0.82 14.14
C ALA C 14 5.18 1.61 14.83
N SER C 15 6.42 1.18 14.65
CA SER C 15 7.56 1.88 15.24
C SER C 15 8.04 3.01 14.36
N VAL C 16 8.82 3.90 14.92
CA VAL C 16 9.40 4.93 14.08
C VAL C 16 10.42 4.22 13.20
N GLY C 17 10.37 4.48 11.91
CA GLY C 17 11.24 3.84 10.94
C GLY C 17 10.62 2.58 10.33
N ASP C 18 9.46 2.20 10.82
CA ASP C 18 8.74 1.03 10.39
C ASP C 18 7.92 1.25 9.12
N ARG C 19 7.58 0.15 8.48
CA ARG C 19 6.79 0.12 7.24
C ARG C 19 5.30 -0.02 7.50
N VAL C 20 4.51 0.94 7.02
CA VAL C 20 3.08 0.92 7.26
C VAL C 20 2.20 0.82 6.05
N THR C 21 1.32 -0.18 6.02
CA THR C 21 0.41 -0.27 4.87
C THR C 21 -1.03 -0.22 5.33
N ILE C 22 -1.78 0.71 4.75
CA ILE C 22 -3.19 0.90 5.00
C ILE C 22 -4.01 0.56 3.77
N THR C 23 -4.91 -0.42 3.90
CA THR C 23 -5.70 -0.89 2.76
C THR C 23 -7.16 -0.45 2.85
N CYS C 24 -7.71 0.08 1.73
CA CYS C 24 -9.06 0.58 1.57
C CYS C 24 -9.78 -0.06 0.37
N ARG C 25 -10.97 -0.54 0.58
CA ARG C 25 -11.72 -1.19 -0.51
C ARG C 25 -12.98 -0.46 -0.94
N ALA C 26 -13.11 -0.24 -2.24
CA ALA C 26 -14.32 0.39 -2.76
C ALA C 26 -15.40 -0.66 -2.91
N SER C 27 -16.64 -0.27 -2.67
CA SER C 27 -17.79 -1.15 -2.86
C SER C 27 -18.12 -1.41 -4.31
N GLN C 28 -17.62 -0.56 -5.18
CA GLN C 28 -17.86 -0.67 -6.59
C GLN C 28 -16.72 -0.05 -7.31
N SER C 29 -16.71 -0.16 -8.61
CA SER C 29 -15.63 0.44 -9.33
C SER C 29 -15.60 1.94 -9.17
N VAL C 30 -14.42 2.39 -8.87
CA VAL C 30 -14.02 3.77 -8.72
C VAL C 30 -12.75 3.83 -9.57
N SER C 31 -12.64 4.83 -10.41
CA SER C 31 -11.49 5.02 -11.25
C SER C 31 -10.43 5.41 -10.29
N SER C 32 -9.23 5.72 -10.72
CA SER C 32 -8.22 6.09 -9.73
C SER C 32 -8.52 7.49 -9.21
N ALA C 33 -9.57 7.58 -8.39
CA ALA C 33 -10.18 8.76 -7.84
C ALA C 33 -10.27 8.63 -6.35
N VAL C 34 -9.24 8.05 -5.79
CA VAL C 34 -9.16 7.91 -4.37
C VAL C 34 -8.02 8.69 -3.81
N ALA C 35 -8.34 9.51 -2.84
CA ALA C 35 -7.34 10.34 -2.23
C ALA C 35 -7.09 9.93 -0.82
N TRP C 36 -5.91 10.21 -0.34
CA TRP C 36 -5.62 9.94 1.05
C TRP C 36 -5.31 11.23 1.77
N TYR C 37 -5.87 11.36 2.97
CA TYR C 37 -5.68 12.54 3.79
C TYR C 37 -5.12 12.24 5.14
N GLN C 38 -4.30 13.13 5.66
CA GLN C 38 -3.71 12.98 6.98
C GLN C 38 -4.29 13.98 7.96
N GLN C 39 -4.90 13.51 9.03
CA GLN C 39 -5.48 14.40 9.99
C GLN C 39 -4.84 14.27 11.35
N LYS C 40 -4.42 15.38 11.90
CA LYS C 40 -3.83 15.36 13.21
C LYS C 40 -4.87 15.98 14.12
N PRO C 41 -4.95 15.65 15.40
CA PRO C 41 -5.98 16.16 16.27
C PRO C 41 -6.02 17.65 16.28
N GLY C 42 -7.21 18.20 16.16
CA GLY C 42 -7.44 19.63 16.17
C GLY C 42 -7.21 20.33 14.84
N LYS C 43 -6.82 19.59 13.81
CA LYS C 43 -6.53 20.21 12.53
C LYS C 43 -7.40 19.70 11.41
N ALA C 44 -7.56 20.52 10.39
CA ALA C 44 -8.26 20.09 9.21
C ALA C 44 -7.37 19.09 8.50
N PRO C 45 -7.90 18.10 7.79
CA PRO C 45 -7.15 17.14 7.04
C PRO C 45 -6.27 17.74 5.97
N LYS C 46 -5.12 17.14 5.73
CA LYS C 46 -4.22 17.57 4.67
C LYS C 46 -4.19 16.51 3.59
N LEU C 47 -4.18 16.91 2.35
CA LEU C 47 -4.09 15.94 1.26
C LEU C 47 -2.68 15.42 1.07
N LEU C 48 -2.54 14.10 1.02
CA LEU C 48 -1.27 13.46 0.81
C LEU C 48 -1.13 12.98 -0.61
N ILE C 49 -2.09 12.13 -0.98
CA ILE C 49 -2.12 11.44 -2.25
C ILE C 49 -3.40 11.67 -2.99
N TYR C 50 -3.30 11.96 -4.27
CA TYR C 50 -4.49 12.14 -5.06
C TYR C 50 -4.39 11.24 -6.26
N SER C 51 -5.53 10.92 -6.85
CA SER C 51 -5.64 10.03 -7.98
C SER C 51 -5.01 8.66 -7.69
N ALA C 52 -5.17 8.21 -6.45
CA ALA C 52 -4.69 6.93 -5.93
C ALA C 52 -3.22 6.71 -6.20
N SER C 53 -2.44 7.77 -6.35
CA SER C 53 -1.05 7.57 -6.69
C SER C 53 -0.14 8.74 -6.37
N SER C 54 -0.32 9.81 -7.13
CA SER C 54 0.50 11.00 -7.09
C SER C 54 0.53 11.73 -5.78
N LEU C 55 1.70 12.22 -5.41
CA LEU C 55 1.80 13.03 -4.21
C LEU C 55 1.43 14.43 -4.46
N TYR C 56 0.85 15.04 -3.46
CA TYR C 56 0.54 16.42 -3.48
C TYR C 56 1.83 17.16 -3.18
N SER C 57 2.06 18.28 -3.83
CA SER C 57 3.28 19.01 -3.56
C SER C 57 3.42 19.34 -2.09
N GLY C 58 4.62 19.14 -1.58
CA GLY C 58 4.94 19.40 -0.18
C GLY C 58 4.85 18.17 0.70
N VAL C 59 4.32 17.10 0.16
CA VAL C 59 4.19 15.87 0.90
C VAL C 59 5.47 15.05 0.75
N PRO C 60 6.08 14.57 1.83
CA PRO C 60 7.28 13.78 1.82
C PRO C 60 7.15 12.53 0.99
N SER C 61 8.27 12.14 0.40
CA SER C 61 8.44 10.99 -0.47
C SER C 61 8.21 9.66 0.22
N ARG C 62 8.10 9.72 1.54
CA ARG C 62 7.82 8.58 2.39
C ARG C 62 6.48 8.02 2.01
N PHE C 63 5.56 8.87 1.52
CA PHE C 63 4.23 8.44 1.20
C PHE C 63 4.11 7.99 -0.25
N SER C 64 3.35 6.94 -0.46
CA SER C 64 3.04 6.47 -1.79
C SER C 64 1.76 5.67 -1.73
N GLY C 65 1.19 5.34 -2.88
CA GLY C 65 0.01 4.50 -2.85
C GLY C 65 -0.33 4.02 -4.25
N SER C 66 -1.29 3.12 -4.33
CA SER C 66 -1.67 2.55 -5.61
C SER C 66 -3.06 1.92 -5.63
N ARG C 67 -3.54 1.65 -6.85
CA ARG C 67 -4.81 0.97 -7.07
C ARG C 67 -4.63 -0.38 -7.72
N SER C 68 -5.42 -1.35 -7.27
CA SER C 68 -5.54 -2.65 -7.90
C SER C 68 -7.02 -2.99 -7.97
N GLY C 69 -7.65 -2.72 -9.10
CA GLY C 69 -9.10 -2.90 -9.15
C GLY C 69 -9.71 -1.95 -8.13
N THR C 70 -10.54 -2.47 -7.24
CA THR C 70 -11.21 -1.68 -6.22
C THR C 70 -10.41 -1.55 -4.93
N ASP C 71 -9.25 -2.17 -4.86
CA ASP C 71 -8.41 -2.12 -3.67
C ASP C 71 -7.33 -1.05 -3.75
N PHE C 72 -7.38 -0.12 -2.83
CA PHE C 72 -6.46 0.99 -2.79
C PHE C 72 -5.57 0.91 -1.58
N THR C 73 -4.30 1.25 -1.73
CA THR C 73 -3.45 1.26 -0.55
C THR C 73 -2.65 2.53 -0.39
N LEU C 74 -2.35 2.81 0.87
CA LEU C 74 -1.47 3.87 1.30
C LEU C 74 -0.29 3.26 2.01
N THR C 75 0.90 3.62 1.58
CA THR C 75 2.08 3.08 2.19
C THR C 75 2.98 4.17 2.71
N ILE C 76 3.47 3.99 3.92
CA ILE C 76 4.45 4.92 4.44
C ILE C 76 5.71 4.09 4.49
N SER C 77 6.69 4.44 3.68
CA SER C 77 7.86 3.58 3.57
C SER C 77 8.66 3.47 4.84
N SER C 78 8.67 4.54 5.61
CA SER C 78 9.37 4.62 6.87
C SER C 78 8.74 5.69 7.74
N LEU C 79 8.07 5.31 8.81
CA LEU C 79 7.41 6.31 9.63
C LEU C 79 8.33 7.27 10.31
N GLN C 80 7.98 8.53 10.25
CA GLN C 80 8.71 9.54 10.93
C GLN C 80 7.91 9.88 12.16
N PRO C 81 8.46 10.53 13.18
CA PRO C 81 7.74 10.95 14.35
C PRO C 81 6.53 11.84 14.04
N GLU C 82 6.54 12.47 12.88
CA GLU C 82 5.48 13.37 12.45
C GLU C 82 4.31 12.70 11.75
N ASP C 83 4.39 11.39 11.52
CA ASP C 83 3.35 10.68 10.77
C ASP C 83 2.32 9.96 11.61
N PHE C 84 2.32 10.17 12.89
CA PHE C 84 1.33 9.48 13.67
C PHE C 84 0.09 10.34 13.67
N ALA C 85 -0.79 9.96 12.76
CA ALA C 85 -1.99 10.67 12.38
C ALA C 85 -3.08 9.71 11.95
N THR C 86 -4.29 10.24 11.81
CA THR C 86 -5.38 9.43 11.30
C THR C 86 -5.43 9.61 9.80
N TYR C 87 -5.41 8.52 9.09
CA TYR C 87 -5.44 8.60 7.65
C TYR C 87 -6.80 8.28 7.11
N TYR C 88 -7.27 9.06 6.17
CA TYR C 88 -8.57 8.76 5.60
C TYR C 88 -8.49 8.45 4.14
N CYS C 89 -9.31 7.50 3.71
CA CYS C 89 -9.49 7.06 2.32
C CYS C 89 -10.70 7.78 1.76
N GLN C 90 -10.55 8.48 0.67
CA GLN C 90 -11.73 9.15 0.16
C GLN C 90 -11.99 8.98 -1.31
N GLN C 91 -13.24 8.69 -1.61
CA GLN C 91 -13.76 8.51 -2.96
C GLN C 91 -14.33 9.80 -3.54
N TYR C 92 -13.84 10.17 -4.72
CA TYR C 92 -14.22 11.38 -5.43
C TYR C 92 -14.81 11.26 -6.82
N LEU C 93 -15.68 10.31 -7.11
CA LEU C 93 -16.16 10.25 -8.48
C LEU C 93 -16.97 11.45 -8.90
N TYR C 94 -17.71 12.03 -7.98
CA TYR C 94 -18.56 13.15 -8.33
C TYR C 94 -18.81 14.00 -7.12
N TYR C 95 -19.07 15.28 -7.34
CA TYR C 95 -19.29 16.23 -6.28
C TYR C 95 -20.31 15.79 -5.24
N SER C 96 -21.39 15.17 -5.65
CA SER C 96 -22.45 14.74 -4.75
C SER C 96 -22.30 13.33 -4.19
N LEU C 97 -21.30 12.60 -4.64
CA LEU C 97 -21.10 11.21 -4.27
C LEU C 97 -19.91 11.02 -3.38
N VAL C 98 -19.46 12.08 -2.76
CA VAL C 98 -18.25 11.97 -1.99
C VAL C 98 -18.44 11.22 -0.71
N THR C 99 -17.61 10.22 -0.52
CA THR C 99 -17.66 9.41 0.68
C THR C 99 -16.29 9.22 1.23
N PHE C 100 -16.21 8.97 2.51
CA PHE C 100 -14.95 8.73 3.16
C PHE C 100 -14.97 7.38 3.80
N GLY C 101 -13.80 6.79 3.95
CA GLY C 101 -13.70 5.56 4.69
C GLY C 101 -13.75 6.00 6.13
N GLN C 102 -13.74 5.07 7.05
CA GLN C 102 -13.87 5.45 8.44
C GLN C 102 -12.60 6.01 9.06
N GLY C 103 -11.46 5.84 8.38
CA GLY C 103 -10.20 6.31 8.88
C GLY C 103 -9.44 5.25 9.64
N THR C 104 -8.12 5.30 9.52
CA THR C 104 -7.26 4.38 10.24
C THR C 104 -6.28 5.16 11.01
N LYS C 105 -6.10 4.82 12.25
CA LYS C 105 -5.15 5.58 13.05
C LYS C 105 -3.84 4.87 13.21
N VAL C 106 -2.74 5.57 12.96
CA VAL C 106 -1.45 4.97 13.18
C VAL C 106 -0.97 5.40 14.54
N GLU C 107 -0.73 4.42 15.37
CA GLU C 107 -0.32 4.58 16.75
C GLU C 107 1.14 4.26 16.86
N ILE C 108 1.78 4.73 17.91
CA ILE C 108 3.17 4.43 18.13
C ILE C 108 3.28 3.08 18.82
N LYS C 109 4.04 2.16 18.24
CA LYS C 109 4.18 0.83 18.82
C LYS C 109 4.96 0.87 20.11
N ARG C 110 4.56 0.03 21.01
CA ARG C 110 5.13 -0.11 22.30
C ARG C 110 4.97 -1.55 22.74
N THR C 111 5.68 -1.91 23.78
CA THR C 111 5.63 -3.17 24.46
C THR C 111 4.32 -3.26 25.21
N VAL C 112 4.01 -4.41 25.78
CA VAL C 112 2.76 -4.60 26.48
C VAL C 112 2.82 -4.51 27.97
N ALA C 113 1.91 -3.75 28.56
CA ALA C 113 1.76 -3.69 29.99
C ALA C 113 0.32 -3.42 30.35
N ALA C 114 -0.14 -4.16 31.35
CA ALA C 114 -1.47 -4.02 31.91
C ALA C 114 -1.51 -2.76 32.74
N PRO C 115 -2.65 -2.08 32.87
CA PRO C 115 -2.79 -0.88 33.63
C PRO C 115 -2.87 -1.12 35.10
N SER C 116 -2.58 -0.09 35.85
CA SER C 116 -2.85 -0.12 37.25
C SER C 116 -4.31 0.25 37.42
N VAL C 117 -5.03 -0.43 38.31
CA VAL C 117 -6.45 -0.13 38.47
C VAL C 117 -6.82 0.40 39.86
N PHE C 118 -7.54 1.52 39.87
CA PHE C 118 -7.99 2.19 41.09
C PHE C 118 -9.50 2.45 41.12
N ILE C 119 -10.10 2.43 42.31
CA ILE C 119 -11.52 2.75 42.46
C ILE C 119 -11.70 4.00 43.30
N PHE C 120 -12.51 4.91 42.81
CA PHE C 120 -12.83 6.15 43.49
C PHE C 120 -14.31 6.22 43.89
N PRO C 121 -14.66 5.90 45.14
CA PRO C 121 -16.02 5.89 45.66
C PRO C 121 -16.64 7.29 45.59
N PRO C 122 -17.98 7.41 45.57
CA PRO C 122 -18.73 8.65 45.67
C PRO C 122 -18.49 9.18 47.06
N SER C 123 -18.57 10.49 47.25
CA SER C 123 -18.44 11.04 48.60
C SER C 123 -19.59 12.00 48.81
N ASP C 124 -19.71 12.47 50.04
CA ASP C 124 -20.81 13.31 50.49
C ASP C 124 -21.05 14.53 49.64
N SER C 125 -20.00 15.13 49.08
CA SER C 125 -20.21 16.34 48.32
C SER C 125 -21.07 16.17 47.07
N GLN C 126 -21.20 14.94 46.54
CA GLN C 126 -22.10 14.75 45.40
C GLN C 126 -23.29 13.94 45.84
N LEU C 127 -23.14 13.12 46.87
CA LEU C 127 -24.24 12.27 47.31
C LEU C 127 -25.38 13.14 47.84
N LYS C 128 -25.02 14.28 48.43
CA LYS C 128 -26.00 15.22 48.97
C LYS C 128 -26.85 15.86 47.88
N SER C 129 -26.42 15.76 46.62
CA SER C 129 -27.13 16.35 45.50
C SER C 129 -28.18 15.41 44.94
N GLY C 130 -28.25 14.18 45.44
CA GLY C 130 -29.24 13.23 44.96
C GLY C 130 -28.75 12.29 43.87
N THR C 131 -27.45 12.32 43.61
CA THR C 131 -26.80 11.51 42.60
C THR C 131 -25.62 10.77 43.19
N ALA C 132 -25.05 9.86 42.42
CA ALA C 132 -23.82 9.20 42.83
C ALA C 132 -23.02 8.79 41.60
N SER C 133 -21.73 8.70 41.75
CA SER C 133 -20.95 8.19 40.66
C SER C 133 -19.77 7.44 41.20
N VAL C 134 -19.40 6.36 40.53
CA VAL C 134 -18.25 5.60 41.00
C VAL C 134 -17.24 5.65 39.87
N VAL C 135 -16.00 6.05 40.14
CA VAL C 135 -15.07 6.13 39.02
C VAL C 135 -13.95 5.08 39.10
N CYS C 136 -13.78 4.30 38.02
CA CYS C 136 -12.75 3.26 37.87
C CYS C 136 -11.67 3.76 36.93
N LEU C 137 -10.45 3.75 37.41
CA LEU C 137 -9.33 4.24 36.64
C LEU C 137 -8.32 3.21 36.26
N LEU C 138 -7.96 3.19 35.00
CA LEU C 138 -6.96 2.32 34.42
C LEU C 138 -5.76 3.15 33.94
N ASN C 139 -4.62 3.07 34.61
CA ASN C 139 -3.48 3.91 34.19
C ASN C 139 -2.40 3.21 33.44
N ASN C 140 -1.86 3.93 32.46
CA ASN C 140 -0.66 3.53 31.74
C ASN C 140 -0.75 2.15 31.06
N PHE C 141 -1.78 1.95 30.24
CA PHE C 141 -2.00 0.70 29.51
C PHE C 141 -1.27 0.82 28.18
N TYR C 142 -0.45 -0.16 27.81
CA TYR C 142 0.32 0.08 26.59
C TYR C 142 -0.44 -0.20 25.27
N PRO C 143 -1.16 -1.32 25.07
CA PRO C 143 -2.00 -1.60 23.93
C PRO C 143 -3.20 -0.69 24.05
N ARG C 144 -4.00 -0.54 23.02
CA ARG C 144 -5.20 0.28 23.16
C ARG C 144 -6.46 -0.40 23.70
N GLU C 145 -6.67 -1.64 23.31
CA GLU C 145 -7.91 -2.37 23.61
C GLU C 145 -8.11 -2.70 25.07
N ALA C 146 -9.32 -2.49 25.55
CA ALA C 146 -9.62 -2.77 26.94
C ALA C 146 -11.08 -3.04 27.12
N LYS C 147 -11.41 -3.82 28.13
CA LYS C 147 -12.80 -3.98 28.47
C LYS C 147 -13.02 -3.83 29.94
N VAL C 148 -13.94 -2.95 30.29
CA VAL C 148 -14.22 -2.74 31.69
C VAL C 148 -15.68 -3.01 31.99
N GLN C 149 -15.91 -3.91 32.92
CA GLN C 149 -17.26 -4.26 33.29
C GLN C 149 -17.61 -3.76 34.66
N TRP C 150 -18.78 -3.16 34.78
CA TRP C 150 -19.23 -2.76 36.08
C TRP C 150 -20.19 -3.76 36.61
N LYS C 151 -19.96 -4.18 37.83
CA LYS C 151 -20.84 -5.13 38.44
C LYS C 151 -21.27 -4.66 39.82
N VAL C 152 -22.54 -4.85 40.13
CA VAL C 152 -23.02 -4.47 41.45
C VAL C 152 -23.67 -5.68 42.11
N ASP C 153 -23.12 -6.08 43.24
CA ASP C 153 -23.53 -7.30 43.93
C ASP C 153 -23.52 -8.46 42.94
N ASN C 154 -22.48 -8.47 42.12
CA ASN C 154 -22.19 -9.44 41.07
C ASN C 154 -23.17 -9.43 39.89
N ALA C 155 -24.07 -8.45 39.81
CA ALA C 155 -24.93 -8.34 38.64
C ALA C 155 -24.20 -7.54 37.59
N LEU C 156 -24.29 -7.93 36.35
CA LEU C 156 -23.61 -7.14 35.34
C LEU C 156 -24.50 -6.04 34.86
N GLN C 157 -24.00 -4.83 34.97
CA GLN C 157 -24.76 -3.67 34.58
C GLN C 157 -24.45 -3.28 33.17
N SER C 158 -25.40 -2.62 32.53
CA SER C 158 -25.19 -2.12 31.19
C SER C 158 -26.06 -0.93 30.91
N GLY C 159 -25.51 0.03 30.18
CA GLY C 159 -26.24 1.22 29.76
C GLY C 159 -26.22 2.38 30.77
N ASN C 160 -25.54 2.16 31.89
CA ASN C 160 -25.46 3.16 32.93
C ASN C 160 -24.04 3.58 33.24
N SER C 161 -23.17 3.57 32.23
CA SER C 161 -21.80 4.00 32.46
C SER C 161 -21.21 4.69 31.24
N GLN C 162 -20.20 5.51 31.51
CA GLN C 162 -19.48 6.26 30.50
C GLN C 162 -18.00 5.94 30.51
N GLU C 163 -17.34 6.10 29.37
CA GLU C 163 -15.92 5.82 29.25
C GLU C 163 -15.17 6.90 28.49
N SER C 164 -13.96 7.22 28.95
CA SER C 164 -13.10 8.18 28.29
C SER C 164 -11.66 7.72 28.27
N VAL C 165 -11.01 7.88 27.12
CA VAL C 165 -9.64 7.43 26.93
C VAL C 165 -8.75 8.56 26.43
N THR C 166 -7.58 8.69 27.02
CA THR C 166 -6.65 9.73 26.63
C THR C 166 -5.89 9.33 25.39
N GLU C 167 -5.22 10.28 24.79
CA GLU C 167 -4.37 10.01 23.63
C GLU C 167 -3.06 9.44 24.10
N GLN C 168 -2.32 8.80 23.20
CA GLN C 168 -1.04 8.29 23.65
C GLN C 168 -0.21 9.39 24.24
N ASP C 169 0.31 9.12 25.41
CA ASP C 169 1.14 10.03 26.14
C ASP C 169 2.36 10.39 25.32
N SER C 170 2.71 11.66 25.30
CA SER C 170 3.85 12.12 24.52
C SER C 170 5.22 11.62 24.98
N LYS C 171 5.35 11.14 26.22
CA LYS C 171 6.63 10.64 26.67
C LYS C 171 6.64 9.12 26.75
N ASP C 172 5.53 8.54 27.21
CA ASP C 172 5.43 7.09 27.35
C ASP C 172 4.77 6.34 26.20
N SER C 173 3.96 7.00 25.37
CA SER C 173 3.17 6.35 24.33
C SER C 173 2.18 5.32 24.87
N THR C 174 1.56 5.63 26.01
CA THR C 174 0.58 4.77 26.65
C THR C 174 -0.73 5.47 26.80
N TYR C 175 -1.76 4.71 27.17
CA TYR C 175 -3.09 5.26 27.32
C TYR C 175 -3.63 5.16 28.71
N SER C 176 -4.45 6.10 29.10
CA SER C 176 -5.14 5.93 30.36
C SER C 176 -6.63 5.95 30.06
N LEU C 177 -7.37 5.12 30.78
CA LEU C 177 -8.80 4.99 30.57
C LEU C 177 -9.56 5.15 31.86
N SER C 178 -10.67 5.80 31.81
CA SER C 178 -11.46 5.84 33.02
C SER C 178 -12.89 5.64 32.68
N SER C 179 -13.63 5.11 33.63
CA SER C 179 -15.04 4.99 33.38
C SER C 179 -15.82 5.34 34.61
N THR C 180 -17.02 5.84 34.38
CA THR C 180 -17.87 6.25 35.46
C THR C 180 -19.20 5.54 35.44
N LEU C 181 -19.55 4.99 36.59
CA LEU C 181 -20.84 4.34 36.75
C LEU C 181 -21.78 5.40 37.25
N THR C 182 -22.91 5.58 36.58
CA THR C 182 -23.85 6.62 36.99
C THR C 182 -25.03 6.01 37.71
N LEU C 183 -25.29 6.50 38.91
CA LEU C 183 -26.35 6.02 39.76
C LEU C 183 -27.17 7.20 40.30
N SER C 184 -28.46 7.02 40.53
CA SER C 184 -29.16 8.07 41.24
C SER C 184 -28.86 7.83 42.71
N LYS C 185 -29.12 8.76 43.62
CA LYS C 185 -28.90 8.42 45.03
C LYS C 185 -29.69 7.20 45.39
N ALA C 186 -30.90 7.09 44.87
CA ALA C 186 -31.76 5.96 45.16
C ALA C 186 -31.11 4.64 44.78
N ASP C 187 -30.25 4.62 43.76
CA ASP C 187 -29.63 3.39 43.36
C ASP C 187 -28.40 3.16 44.23
N TYR C 188 -27.70 4.23 44.57
CA TYR C 188 -26.49 4.12 45.40
C TYR C 188 -26.80 3.65 46.80
N GLU C 189 -27.96 4.03 47.31
CA GLU C 189 -28.40 3.69 48.66
C GLU C 189 -28.65 2.18 48.82
N LYS C 190 -28.71 1.45 47.71
CA LYS C 190 -28.92 0.02 47.71
C LYS C 190 -27.60 -0.68 47.36
N HIS C 191 -27.51 -1.97 47.67
CA HIS C 191 -26.36 -2.81 47.34
C HIS C 191 -25.15 -2.56 48.23
N LYS C 192 -24.22 -3.51 48.26
CA LYS C 192 -23.05 -3.33 49.09
C LYS C 192 -21.78 -3.23 48.28
N VAL C 193 -21.67 -4.00 47.19
CA VAL C 193 -20.41 -3.95 46.48
C VAL C 193 -20.49 -3.52 45.05
N TYR C 194 -19.75 -2.47 44.78
CA TYR C 194 -19.63 -1.91 43.45
C TYR C 194 -18.23 -2.26 42.98
N ALA C 195 -18.13 -3.06 41.95
CA ALA C 195 -16.83 -3.52 41.52
C ALA C 195 -16.54 -3.23 40.07
N CYS C 196 -15.25 -3.03 39.75
CA CYS C 196 -14.76 -2.80 38.40
C CYS C 196 -13.90 -3.99 38.01
N GLU C 197 -14.35 -4.70 36.98
CA GLU C 197 -13.63 -5.85 36.50
C GLU C 197 -12.95 -5.49 35.19
N VAL C 198 -11.64 -5.52 35.20
CA VAL C 198 -10.88 -5.07 34.08
C VAL C 198 -10.11 -6.16 33.35
N THR C 199 -10.37 -6.28 32.06
CA THR C 199 -9.72 -7.30 31.25
C THR C 199 -8.92 -6.67 30.12
N HIS C 200 -7.70 -7.15 29.95
CA HIS C 200 -6.77 -6.67 28.95
C HIS C 200 -6.01 -7.76 28.31
N GLN C 201 -5.56 -7.53 27.10
CA GLN C 201 -4.78 -8.53 26.43
C GLN C 201 -3.51 -8.89 27.17
N GLY C 202 -2.94 -7.92 27.89
CA GLY C 202 -1.72 -8.10 28.65
C GLY C 202 -1.92 -8.80 30.00
N LEU C 203 -3.16 -9.10 30.36
CA LEU C 203 -3.43 -9.78 31.62
C LEU C 203 -3.78 -11.23 31.38
N SER C 204 -3.36 -12.12 32.27
CA SER C 204 -3.77 -13.51 32.12
C SER C 204 -5.17 -13.72 32.63
N SER C 205 -5.62 -12.86 33.51
CA SER C 205 -6.94 -13.00 34.05
C SER C 205 -7.43 -11.61 34.40
N PRO C 206 -8.75 -11.35 34.42
CA PRO C 206 -9.32 -10.08 34.79
C PRO C 206 -8.89 -9.66 36.18
N VAL C 207 -8.66 -8.38 36.35
CA VAL C 207 -8.23 -7.87 37.62
C VAL C 207 -9.36 -7.10 38.20
N THR C 208 -9.66 -7.34 39.45
CA THR C 208 -10.75 -6.62 40.01
C THR C 208 -10.34 -5.82 41.18
N LYS C 209 -11.00 -4.69 41.31
CA LYS C 209 -10.85 -3.84 42.46
C LYS C 209 -12.25 -3.51 42.86
N SER C 210 -12.52 -3.34 44.14
CA SER C 210 -13.89 -3.05 44.48
C SER C 210 -14.09 -2.17 45.67
N PHE C 211 -15.27 -1.58 45.69
CA PHE C 211 -15.75 -0.73 46.73
C PHE C 211 -16.90 -1.29 47.53
N ASN C 212 -16.63 -1.57 48.79
CA ASN C 212 -17.64 -2.11 49.67
C ASN C 212 -18.18 -0.90 50.44
N ARG C 213 -19.42 -0.44 50.10
CA ARG C 213 -20.11 0.78 50.56
C ARG C 213 -19.50 1.42 51.83
N HIS D 17 34.66 -34.69 -44.91
CA HIS D 17 33.49 -34.20 -44.20
C HIS D 17 32.44 -33.69 -45.19
N LEU D 18 32.92 -32.97 -46.20
CA LEU D 18 32.10 -32.47 -47.31
C LEU D 18 31.02 -31.49 -46.87
N PHE D 19 30.20 -31.89 -45.90
CA PHE D 19 29.11 -31.01 -45.45
C PHE D 19 29.64 -29.68 -44.90
N PRO D 20 30.55 -29.64 -43.93
CA PRO D 20 31.03 -28.37 -43.41
C PRO D 20 31.48 -27.42 -44.50
N PRO D 21 32.42 -27.81 -45.39
CA PRO D 21 32.76 -26.90 -46.50
C PRO D 21 31.57 -26.37 -47.27
N SER D 22 30.58 -27.22 -47.58
CA SER D 22 29.43 -26.76 -48.36
C SER D 22 28.65 -25.70 -47.61
N LEU D 23 28.42 -25.93 -46.32
CA LEU D 23 27.66 -24.96 -45.54
C LEU D 23 28.44 -23.67 -45.42
N TYR D 24 29.74 -23.77 -45.15
CA TYR D 24 30.54 -22.56 -44.95
C TYR D 24 30.64 -21.75 -46.24
N ILE D 25 30.76 -22.43 -47.39
CA ILE D 25 30.82 -21.71 -48.65
C ILE D 25 29.51 -20.96 -48.87
N PHE D 26 28.39 -21.64 -48.63
CA PHE D 26 27.08 -20.98 -48.71
C PHE D 26 27.01 -19.77 -47.78
N VAL D 27 27.40 -19.93 -46.52
CA VAL D 27 27.29 -18.84 -45.57
C VAL D 27 28.13 -17.65 -46.02
N ILE D 28 29.34 -17.88 -46.51
CA ILE D 28 30.14 -16.72 -46.94
C ILE D 28 29.48 -16.04 -48.13
N GLY D 29 29.10 -16.83 -49.14
CA GLY D 29 28.54 -16.29 -50.37
C GLY D 29 27.25 -15.52 -50.19
N VAL D 30 26.41 -15.93 -49.25
CA VAL D 30 25.16 -15.22 -49.02
C VAL D 30 25.31 -14.18 -47.93
N GLY D 31 25.90 -14.56 -46.80
CA GLY D 31 26.00 -13.70 -45.65
C GLY D 31 26.79 -12.43 -45.85
N LEU D 32 27.89 -12.47 -46.65
CA LEU D 32 28.67 -11.23 -46.77
C LEU D 32 27.92 -10.12 -47.48
N PRO D 33 27.46 -10.27 -48.73
CA PRO D 33 26.67 -9.18 -49.34
C PRO D 33 25.45 -8.80 -48.50
N THR D 34 24.84 -9.82 -47.90
CA THR D 34 23.63 -9.62 -47.11
C THR D 34 23.93 -8.86 -45.83
N ASN D 35 25.00 -9.23 -45.13
CA ASN D 35 25.29 -8.52 -43.89
C ASN D 35 25.79 -7.12 -44.17
N CYS D 36 26.43 -6.90 -45.32
CA CYS D 36 26.86 -5.53 -45.63
C CYS D 36 25.64 -4.64 -45.86
N LEU D 37 24.65 -5.15 -46.60
CA LEU D 37 23.45 -4.36 -46.83
C LEU D 37 22.67 -4.20 -45.54
N ALA D 38 22.62 -5.24 -44.70
CA ALA D 38 21.91 -5.14 -43.44
C ALA D 38 22.55 -4.09 -42.54
N LEU D 39 23.88 -4.03 -42.53
CA LEU D 39 24.56 -3.03 -41.71
C LEU D 39 24.25 -1.62 -42.19
N TRP D 40 24.24 -1.43 -43.52
CA TRP D 40 23.90 -0.12 -44.06
C TRP D 40 22.47 0.26 -43.67
N ALA D 41 21.53 -0.69 -43.80
CA ALA D 41 20.16 -0.40 -43.42
C ALA D 41 20.05 -0.09 -41.93
N ALA D 42 20.80 -0.79 -41.09
CA ALA D 42 20.74 -0.51 -39.66
C ALA D 42 21.23 0.90 -39.38
N TYR D 43 22.29 1.33 -40.08
CA TYR D 43 22.78 2.68 -39.91
C TYR D 43 21.68 3.68 -40.28
N ARG D 44 21.01 3.43 -41.40
CA ARG D 44 19.94 4.33 -41.83
C ARG D 44 18.84 4.37 -40.78
N GLN D 45 18.52 3.23 -40.17
CA GLN D 45 17.50 3.22 -39.12
C GLN D 45 17.95 4.00 -37.90
N VAL D 46 19.25 3.99 -37.59
CA VAL D 46 19.74 4.77 -36.46
C VAL D 46 19.61 6.25 -36.73
N GLN D 47 19.92 6.66 -37.96
CA GLN D 47 19.83 8.08 -38.30
C GLN D 47 18.40 8.59 -38.17
N GLN D 48 17.42 7.70 -38.30
CA GLN D 48 16.01 8.03 -38.15
C GLN D 48 15.54 7.94 -36.70
N ARG D 49 16.47 7.73 -35.76
CA ARG D 49 16.19 7.63 -34.32
C ARG D 49 15.32 6.43 -34.00
N ASN D 50 15.56 5.33 -34.72
CA ASN D 50 14.91 4.06 -34.44
C ASN D 50 15.84 3.29 -33.50
N GLU D 51 15.41 3.10 -32.25
CA GLU D 51 16.32 2.51 -31.27
C GLU D 51 16.75 1.09 -31.61
N LEU D 52 16.03 0.40 -32.49
CA LEU D 52 16.46 -0.95 -32.81
C LEU D 52 17.60 -0.98 -33.81
N GLY D 53 17.92 0.16 -34.40
CA GLY D 53 19.04 0.20 -35.33
C GLY D 53 20.37 -0.08 -34.69
N VAL D 54 20.52 0.28 -33.41
CA VAL D 54 21.81 0.08 -32.75
C VAL D 54 22.06 -1.41 -32.54
N TYR D 55 21.05 -2.14 -32.07
CA TYR D 55 21.24 -3.56 -31.82
C TYR D 55 21.48 -4.30 -33.14
N LEU D 56 20.76 -3.92 -34.19
CA LEU D 56 20.97 -4.56 -35.47
C LEU D 56 22.34 -4.21 -36.04
N MET D 57 22.79 -2.97 -35.83
CA MET D 57 24.13 -2.60 -36.28
C MET D 57 25.19 -3.40 -35.56
N ASN D 58 25.01 -3.62 -34.26
CA ASN D 58 25.99 -4.38 -33.50
C ASN D 58 26.01 -5.84 -33.94
N LEU D 59 24.83 -6.37 -34.26
CA LEU D 59 24.78 -7.74 -34.75
C LEU D 59 25.46 -7.86 -36.10
N SER D 60 25.23 -6.88 -36.98
CA SER D 60 25.84 -6.90 -38.29
C SER D 60 27.36 -6.77 -38.21
N ILE D 61 27.86 -5.95 -37.27
CA ILE D 61 29.30 -5.81 -37.13
C ILE D 61 29.90 -7.11 -36.60
N ALA D 62 29.27 -7.70 -35.57
CA ALA D 62 29.77 -8.95 -35.02
C ALA D 62 29.79 -10.02 -36.09
N ASP D 63 28.81 -9.98 -36.98
CA ASP D 63 28.76 -10.96 -38.05
C ASP D 63 29.89 -10.71 -39.06
N LEU D 64 30.02 -9.48 -39.56
CA LEU D 64 31.06 -9.25 -40.56
C LEU D 64 32.42 -9.66 -40.00
N LEU D 65 32.64 -9.39 -38.71
CA LEU D 65 33.88 -9.76 -38.07
C LEU D 65 34.08 -11.27 -38.09
N TYR D 66 33.03 -12.02 -37.72
CA TYR D 66 33.13 -13.48 -37.73
C TYR D 66 33.38 -14.03 -39.13
N ILE D 67 32.61 -13.57 -40.12
CA ILE D 67 32.68 -14.13 -41.46
C ILE D 67 34.06 -13.94 -42.09
N CYS D 68 34.68 -12.78 -41.89
CA CYS D 68 35.97 -12.53 -42.53
C CYS D 68 37.08 -13.50 -42.15
N THR D 69 36.92 -14.32 -41.10
CA THR D 69 37.97 -15.28 -40.81
C THR D 69 37.61 -16.69 -41.26
N LEU D 70 36.33 -16.96 -41.48
CA LEU D 70 35.86 -18.28 -41.89
C LEU D 70 36.52 -18.86 -43.15
N PRO D 71 36.84 -18.08 -44.19
CA PRO D 71 37.51 -18.67 -45.37
C PRO D 71 38.79 -19.41 -45.06
N LEU D 72 39.52 -19.05 -44.00
CA LEU D 72 40.76 -19.75 -43.72
C LEU D 72 40.41 -21.15 -43.24
N TRP D 73 39.38 -21.25 -42.40
CA TRP D 73 38.94 -22.56 -41.95
C TRP D 73 38.57 -23.36 -43.14
N VAL D 74 37.67 -22.81 -43.94
CA VAL D 74 37.17 -23.57 -45.08
C VAL D 74 38.35 -24.11 -45.88
N ASP D 75 39.36 -23.27 -46.12
CA ASP D 75 40.54 -23.71 -46.86
C ASP D 75 41.22 -24.87 -46.16
N TYR D 76 41.27 -24.83 -44.83
CA TYR D 76 41.85 -25.94 -44.07
C TYR D 76 41.11 -27.23 -44.41
N PHE D 77 39.78 -27.21 -44.32
CA PHE D 77 39.03 -28.45 -44.56
C PHE D 77 39.09 -28.89 -46.02
N LEU D 78 39.18 -27.94 -46.96
CA LEU D 78 39.15 -28.29 -48.37
C LEU D 78 40.49 -28.73 -48.94
N HIS D 79 41.60 -28.10 -48.55
CA HIS D 79 42.87 -28.44 -49.17
C HIS D 79 44.02 -28.86 -48.27
N HIS D 80 43.88 -28.88 -46.95
CA HIS D 80 45.05 -29.14 -46.14
C HIS D 80 44.81 -30.25 -45.14
N ASP D 81 45.93 -30.89 -44.74
CA ASP D 81 45.93 -32.00 -43.81
C ASP D 81 45.94 -31.58 -42.35
N ASN D 82 46.54 -30.44 -42.03
CA ASN D 82 46.66 -29.99 -40.65
C ASN D 82 46.71 -28.47 -40.62
N TRP D 83 46.85 -27.92 -39.41
CA TRP D 83 46.88 -26.48 -39.17
C TRP D 83 48.27 -25.88 -39.41
N ILE D 84 48.56 -25.63 -40.69
CA ILE D 84 49.86 -25.13 -41.12
C ILE D 84 50.13 -23.73 -40.57
N HIS D 85 49.10 -23.05 -40.08
CA HIS D 85 49.20 -21.69 -39.58
C HIS D 85 49.78 -21.58 -38.17
N GLY D 86 49.86 -22.67 -37.41
CA GLY D 86 50.40 -22.60 -36.08
C GLY D 86 49.42 -22.31 -34.97
N PRO D 87 49.79 -22.70 -33.74
CA PRO D 87 48.91 -22.52 -32.58
C PRO D 87 48.35 -21.12 -32.40
N GLY D 88 49.09 -20.08 -32.79
CA GLY D 88 48.59 -18.73 -32.61
C GLY D 88 47.28 -18.49 -33.33
N SER D 89 47.08 -19.17 -34.46
CA SER D 89 45.87 -19.00 -35.26
C SER D 89 44.64 -19.70 -34.68
N CYS D 90 44.82 -20.70 -33.81
CA CYS D 90 43.65 -21.33 -33.20
C CYS D 90 43.06 -20.46 -32.09
N LYS D 91 43.90 -19.76 -31.34
CA LYS D 91 43.39 -18.90 -30.26
C LYS D 91 42.45 -17.82 -30.79
N LEU D 92 42.81 -17.19 -31.90
CA LEU D 92 41.95 -16.12 -32.40
C LEU D 92 40.72 -16.66 -33.09
N PHE D 93 40.84 -17.76 -33.84
CA PHE D 93 39.66 -18.28 -34.50
C PHE D 93 38.65 -18.75 -33.44
N GLY D 94 39.14 -19.49 -32.45
CA GLY D 94 38.25 -19.97 -31.40
C GLY D 94 37.58 -18.81 -30.69
N PHE D 95 38.37 -17.85 -30.23
CA PHE D 95 37.84 -16.68 -29.54
C PHE D 95 36.77 -15.97 -30.38
N ILE D 96 37.14 -15.80 -31.65
CA ILE D 96 36.24 -15.18 -32.56
C ILE D 96 35.06 -16.12 -32.66
N PHE D 97 35.29 -17.42 -32.63
CA PHE D 97 34.16 -18.29 -32.82
C PHE D 97 33.22 -18.12 -31.66
N TYR D 98 33.75 -18.20 -30.45
CA TYR D 98 32.89 -18.09 -29.29
C TYR D 98 32.25 -16.71 -29.26
N THR D 99 32.99 -15.69 -29.65
CA THR D 99 32.36 -14.40 -29.66
C THR D 99 31.13 -14.49 -30.56
N ASN D 100 31.30 -14.80 -31.84
CA ASN D 100 30.14 -14.78 -32.70
C ASN D 100 29.02 -15.58 -32.10
N ILE D 101 29.36 -16.73 -31.52
CA ILE D 101 28.33 -17.57 -30.95
C ILE D 101 27.53 -16.86 -29.87
N TYR D 102 28.18 -16.09 -29.03
CA TYR D 102 27.42 -15.48 -27.93
C TYR D 102 26.81 -14.09 -28.20
N ILE D 103 27.61 -13.15 -28.67
CA ILE D 103 27.19 -11.78 -28.93
C ILE D 103 25.86 -11.80 -29.65
N SER D 104 25.70 -12.69 -30.65
CA SER D 104 24.43 -12.67 -31.34
C SER D 104 23.30 -13.13 -30.42
N ILE D 105 23.60 -14.02 -29.46
CA ILE D 105 22.54 -14.39 -28.52
C ILE D 105 22.19 -13.22 -27.61
N ALA D 106 23.22 -12.54 -27.08
CA ALA D 106 23.01 -11.42 -26.17
C ALA D 106 22.22 -10.31 -26.85
N PHE D 107 22.48 -10.06 -28.13
CA PHE D 107 21.73 -9.00 -28.80
C PHE D 107 20.32 -9.44 -29.15
N LEU D 108 20.10 -10.69 -29.54
CA LEU D 108 18.73 -11.09 -29.82
C LEU D 108 17.90 -10.96 -28.54
N CYS D 109 18.51 -11.29 -27.39
CA CYS D 109 17.82 -11.13 -26.12
C CYS D 109 17.54 -9.66 -25.85
N CYS D 110 18.54 -8.79 -26.07
CA CYS D 110 18.35 -7.37 -25.84
C CYS D 110 17.21 -6.83 -26.69
N ILE D 111 17.08 -7.31 -27.93
CA ILE D 111 16.01 -6.85 -28.81
C ILE D 111 14.65 -7.28 -28.25
N SER D 112 14.55 -8.54 -27.83
CA SER D 112 13.26 -9.01 -27.31
C SER D 112 12.89 -8.25 -26.04
N VAL D 113 13.87 -7.95 -25.19
CA VAL D 113 13.58 -7.22 -23.95
C VAL D 113 13.17 -5.79 -24.27
N ASP D 114 13.87 -5.14 -25.20
CA ASP D 114 13.49 -3.79 -25.60
C ASP D 114 12.06 -3.75 -26.10
N ARG D 115 11.67 -4.75 -26.91
CA ARG D 115 10.31 -4.74 -27.44
C ARG D 115 9.30 -4.96 -26.31
N TYR D 116 9.67 -5.77 -25.32
CA TYR D 116 8.70 -5.96 -24.25
C TYR D 116 8.56 -4.69 -23.46
N LEU D 117 9.65 -3.94 -23.27
CA LEU D 117 9.52 -2.69 -22.53
C LEU D 117 8.67 -1.72 -23.32
N ALA D 118 8.85 -1.71 -24.65
CA ALA D 118 8.09 -0.83 -25.53
C ALA D 118 6.60 -1.15 -25.56
N VAL D 119 6.19 -2.33 -25.14
CA VAL D 119 4.78 -2.72 -25.16
C VAL D 119 4.16 -2.69 -23.76
N ALA D 120 4.84 -3.28 -22.78
CA ALA D 120 4.30 -3.40 -21.42
C ALA D 120 4.37 -2.12 -20.59
N HIS D 121 5.41 -1.31 -20.76
CA HIS D 121 5.60 -0.11 -19.94
C HIS D 121 6.00 1.09 -20.78
N PRO D 122 5.15 1.50 -21.71
CA PRO D 122 5.52 2.58 -22.63
C PRO D 122 6.02 3.86 -21.99
N LEU D 123 5.52 4.25 -20.81
CA LEU D 123 5.95 5.51 -20.22
C LEU D 123 6.92 5.37 -19.06
N ARG D 124 6.74 4.39 -18.18
CA ARG D 124 7.61 4.34 -17.02
C ARG D 124 9.05 4.03 -17.38
N PHE D 125 9.28 3.38 -18.52
CA PHE D 125 10.63 3.08 -18.97
C PHE D 125 10.99 3.84 -20.23
N ALA D 126 10.36 5.00 -20.46
CA ALA D 126 10.69 5.80 -21.63
C ALA D 126 12.16 6.24 -21.64
N ARG D 127 12.74 6.42 -20.47
CA ARG D 127 14.12 6.88 -20.36
C ARG D 127 15.12 5.84 -20.83
N LEU D 128 14.68 4.60 -20.97
CA LEU D 128 15.55 3.50 -21.36
C LEU D 128 15.45 3.21 -22.85
N ARG D 129 14.66 3.97 -23.59
CA ARG D 129 14.50 3.73 -25.03
C ARG D 129 15.14 4.82 -25.89
N ARG D 130 16.02 5.62 -25.31
CA ARG D 130 16.76 6.62 -26.07
C ARG D 130 17.92 5.94 -26.79
N VAL D 131 18.35 6.53 -27.90
CA VAL D 131 19.45 5.95 -28.66
C VAL D 131 20.73 5.92 -27.82
N LYS D 132 21.00 7.01 -27.10
CA LYS D 132 22.20 7.05 -26.26
C LYS D 132 22.22 5.89 -25.29
N THR D 133 21.06 5.53 -24.73
CA THR D 133 21.02 4.41 -23.80
C THR D 133 21.32 3.11 -24.51
N ALA D 134 20.74 2.90 -25.69
CA ALA D 134 21.01 1.67 -26.42
C ALA D 134 22.50 1.54 -26.73
N VAL D 135 23.15 2.67 -27.03
CA VAL D 135 24.58 2.65 -27.31
C VAL D 135 25.36 2.28 -26.05
N ALA D 136 25.00 2.87 -24.91
CA ALA D 136 25.68 2.51 -23.67
C ALA D 136 25.49 1.03 -23.34
N VAL D 137 24.29 0.50 -23.63
CA VAL D 137 24.04 -0.92 -23.39
C VAL D 137 24.93 -1.77 -24.29
N SER D 138 25.03 -1.39 -25.56
CA SER D 138 25.88 -2.14 -26.47
C SER D 138 27.33 -2.13 -25.99
N SER D 139 27.81 -0.97 -25.55
CA SER D 139 29.18 -0.87 -25.06
C SER D 139 29.40 -1.79 -23.85
N VAL D 140 28.44 -1.80 -22.93
CA VAL D 140 28.56 -2.67 -21.76
C VAL D 140 28.56 -4.14 -22.17
N VAL D 141 27.68 -4.51 -23.10
CA VAL D 141 27.60 -5.90 -23.53
C VAL D 141 28.90 -6.33 -24.18
N TRP D 142 29.44 -5.49 -25.07
CA TRP D 142 30.68 -5.85 -25.74
C TRP D 142 31.84 -5.95 -24.75
N ALA D 143 31.99 -4.98 -23.85
CA ALA D 143 33.12 -5.05 -22.94
C ALA D 143 33.01 -6.25 -22.00
N THR D 144 31.79 -6.51 -21.51
CA THR D 144 31.59 -7.61 -20.56
C THR D 144 31.83 -8.96 -21.22
N GLU D 145 31.22 -9.19 -22.36
CA GLU D 145 31.45 -10.46 -23.05
C GLU D 145 32.90 -10.62 -23.44
N LEU D 146 33.46 -9.62 -24.09
CA LEU D 146 34.82 -9.80 -24.59
C LEU D 146 35.75 -10.10 -23.44
N GLY D 147 35.53 -9.45 -22.29
CA GLY D 147 36.35 -9.74 -21.12
C GLY D 147 36.14 -11.15 -20.63
N ALA D 148 34.88 -11.57 -20.53
CA ALA D 148 34.58 -12.89 -19.98
C ALA D 148 35.27 -14.00 -20.77
N ASN D 149 35.39 -13.85 -22.09
CA ASN D 149 36.02 -14.87 -22.93
C ASN D 149 37.47 -14.54 -23.24
N SER D 150 38.05 -13.56 -22.55
CA SER D 150 39.40 -13.13 -22.87
C SER D 150 40.47 -13.96 -22.18
N ALA D 151 40.12 -14.71 -21.13
CA ALA D 151 41.13 -15.43 -20.36
C ALA D 151 42.01 -16.34 -21.22
N PRO D 152 41.48 -17.24 -22.06
CA PRO D 152 42.36 -18.14 -22.83
C PRO D 152 43.46 -17.45 -23.60
N LEU D 153 43.37 -16.12 -23.72
CA LEU D 153 44.39 -15.37 -24.41
C LEU D 153 45.47 -14.99 -23.43
N PHE D 154 45.07 -14.64 -22.22
CA PHE D 154 46.05 -14.29 -21.19
C PHE D 154 46.90 -15.50 -20.83
N HIS D 155 46.27 -16.64 -20.61
CA HIS D 155 47.01 -17.84 -20.24
C HIS D 155 46.80 -18.94 -21.25
N ASP D 156 47.76 -19.85 -21.37
CA ASP D 156 47.66 -20.89 -22.38
C ASP D 156 47.29 -22.25 -21.81
N GLU D 157 47.61 -22.51 -20.55
CA GLU D 157 47.35 -23.84 -20.00
C GLU D 157 45.97 -24.31 -20.42
N LEU D 158 44.96 -23.46 -20.25
CA LEU D 158 43.59 -23.79 -20.61
C LEU D 158 43.58 -24.22 -22.08
N PHE D 159 43.90 -23.26 -22.96
CA PHE D 159 43.87 -23.45 -24.40
C PHE D 159 44.54 -24.76 -24.83
N ARG D 160 45.47 -25.24 -24.04
CA ARG D 160 46.11 -26.50 -24.36
C ARG D 160 45.34 -27.66 -23.77
N ASP D 161 44.81 -27.48 -22.56
CA ASP D 161 44.00 -28.52 -21.95
C ASP D 161 42.72 -28.73 -22.75
N ARG D 162 42.22 -27.66 -23.37
CA ARG D 162 40.92 -27.78 -24.08
C ARG D 162 41.15 -28.20 -25.54
N TYR D 163 42.20 -27.70 -26.19
CA TYR D 163 42.40 -27.98 -27.60
C TYR D 163 43.62 -28.86 -27.85
N ASN D 164 43.56 -29.58 -28.96
CA ASN D 164 44.72 -30.24 -29.54
C ASN D 164 45.37 -29.24 -30.50
N HIS D 165 46.54 -28.71 -30.12
CA HIS D 165 47.09 -27.60 -30.90
C HIS D 165 47.32 -27.97 -32.36
N THR D 166 47.56 -29.26 -32.63
CA THR D 166 47.81 -29.74 -33.99
C THR D 166 46.57 -29.67 -34.89
N PHE D 167 45.38 -29.46 -34.33
CA PHE D 167 44.17 -29.27 -35.13
C PHE D 167 43.21 -28.45 -34.29
N CYS D 168 42.59 -27.42 -34.87
CA CYS D 168 41.85 -26.53 -33.98
C CYS D 168 40.54 -27.15 -33.49
N PHE D 169 40.55 -28.41 -33.06
CA PHE D 169 39.41 -29.00 -32.39
C PHE D 169 39.71 -29.26 -30.91
N GLU D 170 38.63 -29.32 -30.13
CA GLU D 170 38.75 -29.57 -28.72
C GLU D 170 39.02 -31.03 -28.48
N LYS D 171 39.79 -31.34 -27.45
CA LYS D 171 40.17 -32.71 -27.19
C LYS D 171 38.95 -33.57 -27.09
N PHE D 172 39.02 -34.77 -27.66
CA PHE D 172 37.91 -35.69 -27.54
C PHE D 172 37.72 -36.00 -26.07
N PRO D 173 38.82 -36.24 -25.34
CA PRO D 173 38.59 -36.41 -23.91
C PRO D 173 38.55 -35.00 -23.38
N MET D 174 38.02 -34.76 -22.20
CA MET D 174 38.08 -33.42 -21.66
C MET D 174 38.48 -33.50 -20.22
N GLU D 175 39.17 -32.49 -19.71
CA GLU D 175 39.52 -32.47 -18.31
C GLU D 175 38.55 -31.55 -17.56
N GLY D 176 38.64 -31.54 -16.23
CA GLY D 176 37.84 -30.60 -15.46
C GLY D 176 38.39 -29.22 -15.68
N TRP D 177 38.13 -28.19 -14.89
CA TRP D 177 38.68 -26.84 -15.23
C TRP D 177 38.05 -26.30 -16.49
N VAL D 178 37.45 -27.16 -17.28
CA VAL D 178 36.68 -26.79 -18.47
C VAL D 178 35.41 -27.63 -18.54
N ALA D 179 35.47 -28.84 -17.98
CA ALA D 179 34.29 -29.70 -17.95
C ALA D 179 33.10 -28.98 -17.33
N TRP D 180 33.36 -28.12 -16.34
CA TRP D 180 32.28 -27.38 -15.68
C TRP D 180 32.03 -26.06 -16.38
N MET D 181 33.09 -25.48 -16.97
CA MET D 181 32.92 -24.23 -17.68
C MET D 181 31.94 -24.40 -18.83
N ASN D 182 31.94 -25.58 -19.47
CA ASN D 182 30.98 -25.76 -20.56
C ASN D 182 29.55 -25.74 -20.03
N LEU D 183 29.37 -26.12 -18.76
CA LEU D 183 28.02 -26.10 -18.23
C LEU D 183 27.66 -24.67 -17.94
N TYR D 184 28.62 -23.91 -17.41
CA TYR D 184 28.38 -22.50 -17.18
C TYR D 184 27.95 -21.83 -18.49
N ARG D 185 28.67 -22.20 -19.56
CA ARG D 185 28.44 -21.57 -20.88
C ARG D 185 27.11 -21.97 -21.49
N VAL D 186 26.57 -23.12 -21.10
CA VAL D 186 25.24 -23.48 -21.62
C VAL D 186 24.14 -22.91 -20.72
N PHE D 187 24.34 -22.86 -19.41
CA PHE D 187 23.29 -22.35 -18.54
C PHE D 187 23.17 -20.84 -18.62
N VAL D 188 24.29 -20.12 -18.66
CA VAL D 188 24.26 -18.67 -18.70
C VAL D 188 24.23 -18.14 -20.12
N GLY D 189 25.01 -18.72 -21.03
CA GLY D 189 25.09 -18.23 -22.39
C GLY D 189 23.99 -18.66 -23.32
N PHE D 190 23.05 -19.48 -22.84
CA PHE D 190 21.97 -19.95 -23.71
C PHE D 190 20.65 -20.02 -22.97
N LEU D 191 20.56 -20.85 -21.92
CA LEU D 191 19.26 -21.06 -21.26
C LEU D 191 18.77 -19.77 -20.62
N PHE D 192 19.67 -19.00 -19.99
CA PHE D 192 19.26 -17.74 -19.38
C PHE D 192 18.66 -16.77 -20.38
N PRO D 193 19.38 -16.33 -21.42
CA PRO D 193 18.76 -15.38 -22.36
C PRO D 193 17.62 -15.99 -23.15
N TRP D 194 17.61 -17.30 -23.37
CA TRP D 194 16.49 -17.88 -24.09
C TRP D 194 15.24 -17.81 -23.24
N ALA D 195 15.37 -18.18 -21.96
CA ALA D 195 14.22 -18.10 -21.07
C ALA D 195 13.75 -16.65 -20.98
N LEU D 196 14.70 -15.70 -21.00
CA LEU D 196 14.27 -14.30 -20.97
C LEU D 196 13.51 -13.93 -22.23
N MET D 197 13.89 -14.48 -23.37
CA MET D 197 13.19 -14.15 -24.61
C MET D 197 11.77 -14.75 -24.59
N LEU D 198 11.65 -15.98 -24.09
CA LEU D 198 10.33 -16.61 -24.00
C LEU D 198 9.45 -15.88 -23.00
N LEU D 199 10.03 -15.44 -21.89
CA LEU D 199 9.26 -14.73 -20.88
C LEU D 199 8.83 -13.39 -21.44
N SER D 200 9.71 -12.73 -22.19
CA SER D 200 9.37 -11.47 -22.81
C SER D 200 8.19 -11.64 -23.77
N TYR D 201 8.23 -12.69 -24.59
CA TYR D 201 7.13 -12.95 -25.51
C TYR D 201 5.83 -13.15 -24.74
N ARG D 202 5.85 -13.99 -23.69
CA ARG D 202 4.63 -14.22 -22.93
C ARG D 202 4.15 -12.92 -22.31
N GLY D 203 5.07 -12.12 -21.77
CA GLY D 203 4.70 -10.86 -21.16
C GLY D 203 4.04 -9.93 -22.15
N ILE D 204 4.50 -9.95 -23.40
CA ILE D 204 3.89 -9.09 -24.41
C ILE D 204 2.46 -9.54 -24.66
N LEU D 205 2.25 -10.84 -24.84
CA LEU D 205 0.88 -11.30 -25.11
C LEU D 205 -0.03 -11.03 -23.92
N ARG D 206 0.48 -11.22 -22.70
CA ARG D 206 -0.36 -10.98 -21.54
C ARG D 206 -0.72 -9.51 -21.39
N ALA D 207 0.25 -8.61 -21.58
CA ALA D 207 -0.03 -7.20 -21.45
C ALA D 207 -1.03 -6.75 -22.51
N VAL D 208 -0.88 -7.27 -23.73
CA VAL D 208 -1.76 -6.86 -24.81
C VAL D 208 -3.17 -7.37 -24.55
N GLU D 209 -3.30 -8.63 -24.17
CA GLU D 209 -4.64 -9.16 -23.94
C GLU D 209 -5.28 -8.44 -22.76
N LYS D 210 -4.41 -8.03 -21.85
CA LYS D 210 -4.88 -7.40 -20.65
C LYS D 210 -5.18 -6.04 -21.05
N ARG D 211 -4.77 -5.70 -22.25
CA ARG D 211 -5.18 -4.41 -22.68
C ARG D 211 -6.45 -4.72 -23.37
N ARG D 212 -6.82 -5.99 -23.38
CA ARG D 212 -8.11 -6.34 -23.93
C ARG D 212 -8.93 -6.75 -22.75
N ALA D 213 -8.40 -6.47 -21.57
CA ALA D 213 -9.14 -6.79 -20.37
C ALA D 213 -9.68 -5.54 -19.69
N ASP D 214 -9.29 -4.36 -20.14
CA ASP D 214 -9.74 -3.17 -19.45
C ASP D 214 -10.68 -2.38 -20.33
N LEU D 215 -10.35 -2.21 -21.60
CA LEU D 215 -11.26 -1.44 -22.41
C LEU D 215 -12.54 -2.13 -22.74
N GLU D 216 -12.55 -3.43 -22.97
CA GLU D 216 -13.84 -3.98 -23.28
C GLU D 216 -14.76 -3.85 -22.09
N ASP D 217 -14.26 -3.98 -20.85
CA ASP D 217 -15.13 -3.80 -19.71
C ASP D 217 -15.67 -2.38 -19.67
N ASN D 218 -14.84 -1.40 -20.04
CA ASN D 218 -15.29 -0.03 -20.03
C ASN D 218 -16.28 0.24 -21.13
N TRP D 219 -16.10 -0.36 -22.30
CA TRP D 219 -17.04 -0.08 -23.36
C TRP D 219 -18.37 -0.68 -23.04
N GLU D 220 -18.40 -1.89 -22.47
CA GLU D 220 -19.68 -2.48 -22.14
C GLU D 220 -20.34 -1.69 -21.05
N THR D 221 -19.58 -1.19 -20.07
CA THR D 221 -20.19 -0.42 -19.02
C THR D 221 -20.87 0.80 -19.60
N LEU D 222 -20.18 1.51 -20.50
CA LEU D 222 -20.80 2.68 -21.07
C LEU D 222 -21.99 2.37 -21.94
N ASN D 223 -21.92 1.33 -22.74
CA ASN D 223 -23.02 1.06 -23.63
C ASN D 223 -24.23 0.50 -22.95
N ASP D 224 -24.03 -0.35 -21.94
CA ASP D 224 -25.17 -0.93 -21.28
C ASP D 224 -25.82 0.03 -20.32
N ASN D 225 -25.06 0.90 -19.69
CA ASN D 225 -25.70 1.81 -18.77
C ASN D 225 -26.46 2.84 -19.55
N LEU D 226 -26.04 3.14 -20.77
CA LEU D 226 -26.79 4.08 -21.57
C LEU D 226 -28.13 3.45 -21.93
N LYS D 227 -28.13 2.13 -22.24
CA LYS D 227 -29.37 1.41 -22.56
C LYS D 227 -30.31 1.45 -21.36
N VAL D 228 -29.76 1.37 -20.15
CA VAL D 228 -30.58 1.46 -18.95
C VAL D 228 -31.20 2.84 -18.82
N ILE D 229 -30.43 3.89 -19.04
CA ILE D 229 -30.97 5.22 -18.86
C ILE D 229 -32.17 5.45 -19.72
N GLU D 230 -32.10 5.03 -20.96
CA GLU D 230 -33.19 5.21 -21.91
C GLU D 230 -34.46 4.44 -21.61
N LYS D 231 -34.39 3.41 -20.77
CA LYS D 231 -35.56 2.59 -20.47
C LYS D 231 -36.10 2.86 -19.08
N ALA D 232 -35.20 3.18 -18.18
CA ALA D 232 -35.51 3.38 -16.78
C ALA D 232 -36.31 4.60 -16.49
N VAL D 238 -31.53 6.38 -13.15
CA VAL D 238 -30.77 7.16 -14.09
C VAL D 238 -29.47 7.57 -13.41
N LYS D 239 -29.53 8.00 -12.15
CA LYS D 239 -28.32 8.40 -11.42
C LYS D 239 -27.36 7.26 -11.32
N ASP D 240 -27.85 6.06 -11.07
CA ASP D 240 -26.96 4.94 -10.91
C ASP D 240 -26.29 4.59 -12.23
N ALA D 241 -27.05 4.59 -13.30
CA ALA D 241 -26.46 4.28 -14.57
C ALA D 241 -25.43 5.33 -14.96
N LEU D 242 -25.70 6.61 -14.70
CA LEU D 242 -24.77 7.67 -15.04
C LEU D 242 -23.53 7.63 -14.17
N THR D 243 -23.67 7.24 -12.91
CA THR D 243 -22.54 7.15 -12.02
C THR D 243 -21.56 6.13 -12.54
N LYS D 244 -22.08 4.98 -12.98
CA LYS D 244 -21.25 3.93 -13.55
C LYS D 244 -20.62 4.37 -14.86
N MET D 245 -21.37 5.10 -15.68
CA MET D 245 -20.81 5.55 -16.93
C MET D 245 -19.67 6.50 -16.69
N ARG D 246 -19.79 7.38 -15.71
CA ARG D 246 -18.70 8.30 -15.47
C ARG D 246 -17.46 7.56 -15.07
N ALA D 247 -17.56 6.58 -14.19
CA ALA D 247 -16.35 5.88 -13.81
C ALA D 247 -15.71 5.20 -15.02
N ALA D 248 -16.51 4.61 -15.90
CA ALA D 248 -15.95 3.95 -17.07
C ALA D 248 -15.29 4.94 -17.99
N ALA D 249 -15.89 6.12 -18.18
CA ALA D 249 -15.33 7.11 -19.04
C ALA D 249 -14.00 7.60 -18.51
N LEU D 250 -13.87 7.74 -17.20
CA LEU D 250 -12.61 8.20 -16.67
C LEU D 250 -11.53 7.15 -16.87
N ASP D 251 -11.85 5.87 -16.71
CA ASP D 251 -10.83 4.85 -16.93
C ASP D 251 -10.46 4.74 -18.39
N ALA D 252 -11.39 5.03 -19.29
CA ALA D 252 -11.07 5.02 -20.70
C ALA D 252 -10.05 6.13 -20.98
N GLN D 253 -10.12 7.28 -20.28
CA GLN D 253 -9.07 8.27 -20.51
C GLN D 253 -7.74 7.76 -20.03
N LYS D 254 -7.74 7.07 -18.91
CA LYS D 254 -6.48 6.57 -18.41
C LYS D 254 -5.84 5.67 -19.44
N ALA D 255 -6.65 4.86 -20.14
CA ALA D 255 -6.14 4.00 -21.19
C ALA D 255 -5.51 4.83 -22.31
N THR D 256 -6.07 5.99 -22.60
CA THR D 256 -5.53 6.84 -23.66
C THR D 256 -4.12 7.21 -23.26
N ASP D 257 -3.95 7.52 -21.98
CA ASP D 257 -2.67 7.94 -21.43
C ASP D 257 -1.69 6.82 -21.14
N LYS D 258 -2.02 5.57 -21.48
CA LYS D 258 -1.05 4.50 -21.29
C LYS D 258 -0.13 4.48 -22.49
N SER D 259 -0.49 5.22 -23.53
CA SER D 259 0.26 5.33 -24.77
C SER D 259 1.00 6.67 -24.80
N PRO D 260 2.08 6.82 -25.57
CA PRO D 260 2.79 8.07 -25.77
C PRO D 260 1.95 9.01 -26.58
N ASP D 261 2.17 10.31 -26.41
CA ASP D 261 1.44 11.31 -27.16
C ASP D 261 1.64 11.31 -28.65
N SER D 262 0.54 11.54 -29.29
CA SER D 262 0.36 11.70 -30.71
C SER D 262 -0.98 12.42 -30.85
N PRO D 263 -1.26 13.14 -31.94
CA PRO D 263 -2.50 13.86 -32.16
C PRO D 263 -3.78 13.05 -31.91
N GLU D 264 -3.80 11.76 -32.24
CA GLU D 264 -4.99 10.98 -31.97
C GLU D 264 -5.23 10.74 -30.47
N MET D 265 -4.19 10.77 -29.66
CA MET D 265 -4.38 10.55 -28.24
C MET D 265 -4.82 11.85 -27.65
N LYS D 266 -4.35 12.94 -28.24
CA LYS D 266 -4.74 14.24 -27.76
C LYS D 266 -6.23 14.42 -27.99
N ASP D 267 -6.68 13.94 -29.16
CA ASP D 267 -8.07 14.03 -29.55
C ASP D 267 -8.94 13.08 -28.76
N PHE D 268 -8.45 11.88 -28.44
CA PHE D 268 -9.28 11.00 -27.65
C PHE D 268 -9.42 11.56 -26.24
N ARG D 269 -8.35 12.12 -25.65
CA ARG D 269 -8.55 12.69 -24.33
C ARG D 269 -9.56 13.81 -24.35
N HIS D 270 -9.52 14.63 -25.41
CA HIS D 270 -10.46 15.72 -25.55
C HIS D 270 -11.86 15.16 -25.67
N GLY D 271 -12.05 14.13 -26.49
CA GLY D 271 -13.36 13.54 -26.66
C GLY D 271 -13.90 13.02 -25.36
N PHE D 272 -13.03 12.47 -24.52
CA PHE D 272 -13.51 12.01 -23.24
C PHE D 272 -13.87 13.17 -22.35
N ASP D 273 -13.11 14.25 -22.36
CA ASP D 273 -13.51 15.37 -21.50
C ASP D 273 -14.90 15.85 -21.89
N ILE D 274 -15.22 15.83 -23.18
CA ILE D 274 -16.54 16.21 -23.60
C ILE D 274 -17.55 15.21 -23.11
N LEU D 275 -17.26 13.92 -23.27
CA LEU D 275 -18.20 12.87 -22.86
C LEU D 275 -18.46 12.94 -21.37
N VAL D 276 -17.42 13.16 -20.56
CA VAL D 276 -17.60 13.20 -19.14
C VAL D 276 -18.43 14.41 -18.78
N GLY D 277 -18.17 15.55 -19.40
CA GLY D 277 -18.97 16.72 -19.12
C GLY D 277 -20.44 16.49 -19.45
N GLN D 278 -20.72 15.75 -20.52
CA GLN D 278 -22.10 15.44 -20.87
C GLN D 278 -22.75 14.51 -19.85
N ILE D 279 -21.96 13.57 -19.31
CA ILE D 279 -22.48 12.69 -18.29
C ILE D 279 -22.84 13.56 -17.10
N ASP D 280 -21.98 14.52 -16.75
CA ASP D 280 -22.25 15.41 -15.63
C ASP D 280 -23.51 16.25 -15.82
N ASP D 281 -23.80 16.70 -17.03
CA ASP D 281 -25.02 17.46 -17.21
C ASP D 281 -26.23 16.55 -17.01
N ALA D 282 -26.15 15.31 -17.47
CA ALA D 282 -27.24 14.39 -17.26
C ALA D 282 -27.40 14.11 -15.76
N LEU D 283 -26.28 14.04 -15.00
CA LEU D 283 -26.39 13.84 -13.57
C LEU D 283 -27.03 15.01 -12.89
N LYS D 284 -26.70 16.22 -13.33
CA LYS D 284 -27.33 17.39 -12.73
C LYS D 284 -28.82 17.28 -12.81
N LEU D 285 -29.33 16.90 -13.97
CA LEU D 285 -30.75 16.77 -14.15
C LEU D 285 -31.33 15.63 -13.32
N ALA D 286 -30.61 14.51 -13.23
CA ALA D 286 -31.08 13.39 -12.43
C ALA D 286 -31.15 13.78 -10.96
N ASN D 287 -30.22 14.63 -10.52
CA ASN D 287 -30.18 15.08 -9.14
C ASN D 287 -31.32 16.04 -8.85
N GLU D 288 -31.68 16.87 -9.83
CA GLU D 288 -32.83 17.76 -9.70
C GLU D 288 -34.09 16.90 -9.62
N GLY D 289 -34.07 15.76 -10.34
CA GLY D 289 -35.18 14.84 -10.36
C GLY D 289 -35.95 14.82 -11.66
N LYS D 290 -35.35 15.35 -12.72
CA LYS D 290 -35.99 15.37 -14.00
C LYS D 290 -35.58 14.17 -14.84
N VAL D 291 -36.39 13.12 -14.86
CA VAL D 291 -35.99 11.92 -15.56
C VAL D 291 -35.97 12.15 -17.04
N LYS D 292 -37.00 12.78 -17.58
CA LYS D 292 -37.06 12.99 -19.01
C LYS D 292 -35.92 13.83 -19.52
N GLU D 293 -35.55 14.85 -18.76
CA GLU D 293 -34.48 15.70 -19.20
C GLU D 293 -33.14 15.00 -19.05
N ALA D 294 -32.96 14.24 -17.97
CA ALA D 294 -31.70 13.53 -17.80
C ALA D 294 -31.51 12.55 -18.92
N GLN D 295 -32.60 11.92 -19.37
CA GLN D 295 -32.51 10.99 -20.48
C GLN D 295 -32.17 11.72 -21.76
N ALA D 296 -32.79 12.86 -22.02
CA ALA D 296 -32.47 13.60 -23.23
C ALA D 296 -31.02 14.02 -23.24
N ALA D 297 -30.51 14.36 -22.06
CA ALA D 297 -29.11 14.73 -21.93
C ALA D 297 -28.22 13.52 -22.18
N ALA D 298 -28.60 12.34 -21.65
CA ALA D 298 -27.84 11.11 -21.84
C ALA D 298 -27.79 10.71 -23.28
N GLU D 299 -28.82 11.04 -24.05
CA GLU D 299 -28.84 10.75 -25.49
C GLU D 299 -27.75 11.51 -26.24
N GLN D 300 -27.20 12.58 -25.65
CA GLN D 300 -26.22 13.36 -26.36
C GLN D 300 -24.88 12.65 -26.25
N LEU D 301 -24.82 11.61 -25.43
CA LEU D 301 -23.63 10.84 -25.28
C LEU D 301 -23.52 9.97 -26.52
N LYS D 302 -24.66 9.71 -27.22
CA LYS D 302 -24.61 8.93 -28.44
C LYS D 302 -24.05 9.82 -29.53
N THR D 303 -24.48 11.07 -29.55
CA THR D 303 -24.00 11.98 -30.57
C THR D 303 -22.49 12.11 -30.43
N THR D 304 -22.01 12.24 -29.20
CA THR D 304 -20.59 12.34 -28.95
C THR D 304 -19.84 11.09 -29.31
N ARG D 305 -20.31 9.90 -28.94
CA ARG D 305 -19.49 8.73 -29.23
C ARG D 305 -19.46 8.49 -30.70
N ASN D 306 -20.50 8.86 -31.41
CA ASN D 306 -20.58 8.61 -32.82
C ASN D 306 -19.63 9.49 -33.61
N ALA D 307 -19.04 10.49 -32.96
CA ALA D 307 -18.10 11.38 -33.59
C ALA D 307 -16.70 10.80 -33.56
N TYR D 308 -16.49 9.78 -32.72
CA TYR D 308 -15.19 9.19 -32.54
C TYR D 308 -15.13 7.72 -32.95
N ILE D 309 -16.21 7.17 -33.50
CA ILE D 309 -16.16 5.77 -33.84
C ILE D 309 -15.21 5.50 -34.95
N GLN D 310 -15.27 6.28 -36.01
CA GLN D 310 -14.39 5.96 -37.09
C GLN D 310 -12.95 6.18 -36.70
N LYS D 311 -12.71 7.19 -35.88
CA LYS D 311 -11.35 7.46 -35.50
C LYS D 311 -10.80 6.34 -34.67
N TYR D 312 -11.61 5.81 -33.76
CA TYR D 312 -11.19 4.71 -32.95
C TYR D 312 -10.90 3.50 -33.78
N LEU D 313 -11.79 3.17 -34.73
CA LEU D 313 -11.60 2.00 -35.56
C LEU D 313 -10.34 2.12 -36.40
N ASP D 314 -10.07 3.31 -36.94
CA ASP D 314 -8.89 3.44 -37.75
C ASP D 314 -7.66 3.31 -36.87
N TRP D 315 -7.76 3.85 -35.68
CA TRP D 315 -6.66 3.76 -34.77
C TRP D 315 -6.36 2.34 -34.39
N GLU D 316 -7.38 1.52 -34.07
CA GLU D 316 -7.07 0.15 -33.74
C GLU D 316 -6.49 -0.60 -34.91
N ARG D 317 -6.94 -0.35 -36.14
CA ARG D 317 -6.30 -1.14 -37.18
C ARG D 317 -4.81 -0.87 -37.18
N GLU D 318 -4.42 0.39 -36.99
CA GLU D 318 -3.00 0.69 -36.99
C GLU D 318 -2.30 0.11 -35.77
N ARG D 319 -3.12 -0.32 -34.83
CA ARG D 319 -2.57 -1.06 -33.72
C ARG D 319 -2.48 -2.58 -34.06
N LEU D 320 -3.56 -3.30 -34.37
CA LEU D 320 -3.48 -4.73 -34.64
C LEU D 320 -2.32 -5.05 -35.57
N LYS D 321 -2.07 -4.21 -36.57
CA LYS D 321 -0.93 -4.52 -37.44
C LYS D 321 0.39 -4.31 -36.72
N ARG D 322 0.48 -3.28 -35.87
CA ARG D 322 1.71 -3.07 -35.12
C ARG D 322 1.96 -4.21 -34.16
N LEU D 323 0.90 -4.70 -33.53
CA LEU D 323 1.06 -5.81 -32.61
C LEU D 323 1.42 -7.06 -33.37
N GLU D 324 0.82 -7.25 -34.55
CA GLU D 324 1.16 -8.41 -35.36
C GLU D 324 2.65 -8.41 -35.67
N ARG D 325 3.18 -7.25 -36.02
CA ARG D 325 4.63 -7.16 -36.30
C ARG D 325 5.45 -7.44 -35.05
N ILE D 326 5.02 -6.93 -33.90
CA ILE D 326 5.79 -7.16 -32.68
C ILE D 326 5.79 -8.64 -32.31
N LYS D 327 4.61 -9.28 -32.39
CA LYS D 327 4.52 -10.71 -32.08
C LYS D 327 5.34 -11.53 -33.05
N ARG D 328 5.29 -11.18 -34.33
CA ARG D 328 6.06 -11.93 -35.31
C ARG D 328 7.56 -11.76 -35.06
N LEU D 329 7.98 -10.55 -34.67
CA LEU D 329 9.40 -10.36 -34.39
C LEU D 329 9.84 -11.19 -33.18
N ALA D 330 9.04 -11.17 -32.11
CA ALA D 330 9.41 -11.94 -30.92
C ALA D 330 9.46 -13.43 -31.24
N LEU D 331 8.50 -13.92 -32.03
CA LEU D 331 8.47 -15.33 -32.37
C LEU D 331 9.62 -15.68 -33.29
N SER D 332 9.97 -14.77 -34.21
CA SER D 332 11.07 -15.03 -35.12
C SER D 332 12.38 -15.08 -34.35
N LEU D 333 12.54 -14.23 -33.34
CA LEU D 333 13.77 -14.26 -32.56
C LEU D 333 13.87 -15.56 -31.79
N ILE D 334 12.74 -16.04 -31.26
CA ILE D 334 12.75 -17.31 -30.54
C ILE D 334 13.13 -18.44 -31.50
N ALA D 335 12.52 -18.45 -32.68
CA ALA D 335 12.82 -19.49 -33.66
C ALA D 335 14.27 -19.43 -34.12
N ILE D 336 14.83 -18.22 -34.29
CA ILE D 336 16.23 -18.11 -34.71
C ILE D 336 17.15 -18.69 -33.65
N VAL D 337 16.92 -18.35 -32.39
CA VAL D 337 17.81 -18.88 -31.35
C VAL D 337 17.66 -20.40 -31.25
N LEU D 338 16.41 -20.88 -31.30
CA LEU D 338 16.15 -22.31 -31.18
C LEU D 338 16.77 -23.11 -32.32
N VAL D 339 16.68 -22.63 -33.55
CA VAL D 339 17.22 -23.41 -34.66
C VAL D 339 18.73 -23.23 -34.80
N CYS D 340 19.22 -22.00 -34.78
CA CYS D 340 20.66 -21.79 -34.99
C CYS D 340 21.52 -22.26 -33.82
N PHE D 341 21.09 -22.04 -32.58
CA PHE D 341 22.03 -22.37 -31.51
C PHE D 341 21.66 -23.57 -30.65
N ALA D 342 20.39 -23.91 -30.49
CA ALA D 342 20.06 -25.03 -29.62
C ALA D 342 20.75 -26.34 -29.96
N PRO D 343 20.88 -26.76 -31.24
CA PRO D 343 21.63 -28.00 -31.52
C PRO D 343 23.04 -28.05 -30.93
N TYR D 344 23.77 -26.94 -30.97
CA TYR D 344 25.11 -27.02 -30.34
C TYR D 344 24.98 -27.07 -28.83
N HIS D 345 24.06 -26.31 -28.23
CA HIS D 345 24.07 -26.26 -26.78
C HIS D 345 23.58 -27.59 -26.21
N VAL D 346 22.73 -28.28 -26.96
CA VAL D 346 22.29 -29.61 -26.56
C VAL D 346 23.43 -30.60 -26.72
N LEU D 347 24.16 -30.55 -27.84
CA LEU D 347 25.24 -31.51 -28.00
C LEU D 347 26.40 -31.17 -27.06
N LEU D 348 26.62 -29.90 -26.77
CA LEU D 348 27.68 -29.52 -25.84
C LEU D 348 27.35 -29.97 -24.43
N LEU D 349 26.09 -29.81 -24.02
CA LEU D 349 25.70 -30.24 -22.68
C LEU D 349 25.77 -31.75 -22.58
N SER D 350 25.31 -32.46 -23.61
CA SER D 350 25.39 -33.92 -23.59
C SER D 350 26.84 -34.37 -23.54
N ARG D 351 27.70 -33.75 -24.35
CA ARG D 351 29.11 -34.12 -24.40
C ARG D 351 29.78 -33.90 -23.05
N SER D 352 29.46 -32.79 -22.37
CA SER D 352 30.01 -32.59 -21.05
C SER D 352 29.42 -33.62 -20.09
N ALA D 353 28.11 -33.82 -20.15
CA ALA D 353 27.42 -34.72 -19.23
C ALA D 353 27.97 -36.14 -19.36
N ILE D 354 28.32 -36.55 -20.58
CA ILE D 354 28.80 -37.89 -20.88
C ILE D 354 30.14 -38.14 -20.21
N TYR D 355 30.69 -37.12 -19.54
CA TYR D 355 31.97 -37.28 -18.87
C TYR D 355 31.89 -37.16 -17.36
N LEU D 356 30.78 -36.66 -16.80
CA LEU D 356 30.81 -36.42 -15.35
C LEU D 356 30.89 -37.75 -14.54
N GLY D 357 31.03 -38.79 -15.34
CA GLY D 357 31.13 -40.15 -14.88
C GLY D 357 31.34 -41.05 -16.07
N ARG D 358 31.19 -42.36 -15.85
CA ARG D 358 31.35 -43.29 -16.96
C ARG D 358 30.17 -43.14 -17.91
N PHE D 364 26.30 -43.89 -26.70
CA PHE D 364 27.57 -44.13 -27.37
C PHE D 364 28.42 -42.87 -27.32
N GLU D 365 29.74 -43.06 -27.29
CA GLU D 365 30.65 -41.92 -27.29
C GLU D 365 30.89 -41.37 -28.69
N GLU D 366 31.15 -42.24 -29.67
CA GLU D 366 31.52 -41.77 -31.01
C GLU D 366 30.37 -41.06 -31.71
N ARG D 367 29.12 -41.39 -31.36
CA ARG D 367 28.03 -40.72 -32.06
C ARG D 367 27.92 -39.29 -31.56
N VAL D 368 28.25 -39.07 -30.29
CA VAL D 368 28.13 -37.74 -29.74
C VAL D 368 29.16 -36.85 -30.42
N PHE D 369 30.35 -37.36 -30.60
CA PHE D 369 31.37 -36.54 -31.20
C PHE D 369 30.97 -36.22 -32.62
N SER D 370 30.71 -37.26 -33.40
CA SER D 370 30.44 -37.02 -34.81
C SER D 370 29.33 -35.98 -34.98
N ALA D 371 28.24 -36.13 -34.21
CA ALA D 371 27.13 -35.21 -34.33
C ALA D 371 27.52 -33.83 -33.86
N TYR D 372 28.29 -33.73 -32.78
CA TYR D 372 28.68 -32.44 -32.25
C TYR D 372 29.49 -31.69 -33.29
N HIS D 373 30.46 -32.33 -33.90
CA HIS D 373 31.29 -31.59 -34.84
C HIS D 373 30.48 -31.20 -36.06
N SER D 374 29.57 -32.06 -36.52
CA SER D 374 28.78 -31.59 -37.66
C SER D 374 27.90 -30.42 -37.24
N SER D 375 27.34 -30.48 -36.03
CA SER D 375 26.45 -29.45 -35.49
C SER D 375 27.16 -28.14 -35.26
N LEU D 376 28.48 -28.16 -35.10
CA LEU D 376 29.23 -26.93 -34.90
C LEU D 376 29.27 -26.09 -36.16
N ALA D 377 29.14 -26.71 -37.33
CA ALA D 377 29.06 -25.96 -38.57
C ALA D 377 27.70 -25.28 -38.67
N PHE D 378 26.66 -25.96 -38.19
CA PHE D 378 25.29 -25.47 -38.29
C PHE D 378 25.13 -24.08 -37.68
N THR D 379 25.79 -23.82 -36.55
CA THR D 379 25.61 -22.52 -35.90
C THR D 379 26.09 -21.36 -36.75
N SER D 380 26.80 -21.62 -37.83
CA SER D 380 27.25 -20.55 -38.70
C SER D 380 26.11 -19.95 -39.49
N LEU D 381 24.95 -20.62 -39.53
CA LEU D 381 23.79 -20.10 -40.26
C LEU D 381 23.19 -18.87 -39.60
N ASN D 382 23.59 -18.58 -38.36
CA ASN D 382 23.09 -17.36 -37.72
C ASN D 382 23.49 -16.16 -38.53
N CYS D 383 24.60 -16.25 -39.23
CA CYS D 383 25.15 -15.15 -40.00
C CYS D 383 24.35 -14.88 -41.26
N VAL D 384 23.41 -15.75 -41.61
CA VAL D 384 22.53 -15.57 -42.74
C VAL D 384 21.13 -15.20 -42.30
N ALA D 385 20.64 -15.84 -41.24
CA ALA D 385 19.29 -15.56 -40.74
C ALA D 385 19.16 -14.16 -40.15
N ASP D 386 20.23 -13.70 -39.50
CA ASP D 386 20.20 -12.38 -38.85
C ASP D 386 19.66 -11.28 -39.74
N PRO D 387 20.30 -11.03 -40.87
CA PRO D 387 19.88 -9.90 -41.72
C PRO D 387 18.40 -9.92 -42.09
N ILE D 388 17.75 -11.07 -41.95
CA ILE D 388 16.34 -11.19 -42.27
C ILE D 388 15.51 -10.33 -41.33
N LEU D 389 16.03 -10.04 -40.14
CA LEU D 389 15.29 -9.30 -39.14
C LEU D 389 14.95 -7.90 -39.60
N TYR D 390 15.65 -7.39 -40.62
CA TYR D 390 15.38 -6.03 -41.08
C TYR D 390 14.00 -5.95 -41.71
N CYS D 391 13.50 -7.05 -42.27
CA CYS D 391 12.18 -7.00 -42.87
C CYS D 391 11.08 -6.98 -41.82
N LEU D 392 11.40 -7.25 -40.56
CA LEU D 392 10.43 -7.25 -39.47
C LEU D 392 10.49 -5.98 -38.63
N VAL D 393 11.70 -5.54 -38.31
CA VAL D 393 11.86 -4.39 -37.42
C VAL D 393 11.12 -3.18 -37.96
N ASN D 394 11.61 -2.64 -39.07
CA ASN D 394 10.94 -1.52 -39.69
C ASN D 394 10.01 -2.04 -40.77
N GLU D 395 9.73 -1.21 -41.77
CA GLU D 395 8.91 -1.64 -42.89
C GLU D 395 9.59 -1.19 -44.16
N GLY D 396 10.82 -0.70 -44.02
CA GLY D 396 11.56 -0.24 -45.17
C GLY D 396 11.92 -1.41 -46.03
N ALA D 397 11.41 -2.60 -45.70
CA ALA D 397 11.65 -3.75 -46.55
C ALA D 397 10.99 -3.45 -47.88
N ARG D 398 9.78 -2.93 -47.84
CA ARG D 398 9.08 -2.59 -49.07
C ARG D 398 9.83 -1.52 -49.83
N SER D 399 10.40 -0.56 -49.10
CA SER D 399 11.16 0.50 -49.74
C SER D 399 12.34 -0.08 -50.49
N ASP D 400 13.05 -1.01 -49.86
CA ASP D 400 14.20 -1.63 -50.50
C ASP D 400 13.77 -2.45 -51.71
N VAL D 401 12.62 -3.09 -51.61
CA VAL D 401 12.12 -3.85 -52.75
C VAL D 401 11.87 -2.90 -53.91
N ALA D 402 11.27 -1.76 -53.62
CA ALA D 402 11.01 -0.77 -54.66
C ALA D 402 12.32 -0.30 -55.26
N LYS D 403 13.33 -0.09 -54.41
CA LYS D 403 14.63 0.35 -54.90
C LYS D 403 15.20 -0.67 -55.86
N ALA D 404 15.09 -1.95 -55.50
CA ALA D 404 15.61 -3.01 -56.36
C ALA D 404 14.87 -3.04 -57.68
N LEU D 405 13.55 -2.88 -57.63
CA LEU D 405 12.77 -2.86 -58.86
C LEU D 405 13.23 -1.72 -59.74
N HIS D 406 13.49 -0.56 -59.15
CA HIS D 406 13.97 0.57 -59.92
C HIS D 406 15.33 0.28 -60.55
N ASN D 407 16.23 -0.32 -59.78
CA ASN D 407 17.54 -0.67 -60.31
C ASN D 407 17.34 -1.57 -61.51
N LEU D 408 16.43 -2.52 -61.39
CA LEU D 408 16.14 -3.41 -62.52
C LEU D 408 15.72 -2.59 -63.74
#